data_6H31
#
_entry.id   6H31
#
_cell.length_a   89.840
_cell.length_b   49.000
_cell.length_c   155.140
_cell.angle_alpha   90.00
_cell.angle_beta   94.59
_cell.angle_gamma   90.00
#
_symmetry.space_group_name_H-M   'P 1 21 1'
#
loop_
_entity.id
_entity.type
_entity.pdbx_description
1 polymer 'DUF2338 domain-containing protein'
2 non-polymer 'NONAETHYLENE GLYCOL'
3 non-polymer GLYCEROL
4 water water
#
_entity_poly.entity_id   1
_entity_poly.type   'polypeptide(L)'
_entity_poly.pdbx_seq_one_letter_code
;MSKLLMIGTGPVAIQLANICYLKSDYEIDMVGRASTSEKSKRLYQAYKKEKQFEVKIQNEAHQHLEGKFEINRLYKDVKN
VKGEYETVVMACTADAYYDTLQQLSLETLQSVKHVILISPTFGSQMIVEQFMSKFSQDIEVISFSTYLGDTRIVDKEAPN
HVLTTGVKKKLYMGSTHSNSTMCQRISALAEQLKIQLEVVESPLHAETRNSSLYVHPPLFMNDFSLKAIFEGTDVPVYVY
KLFPEGPITMTLIREMRLMWKEMMAILQAFRVPSVNLLQFMVKENYPVRPETLDEGDIEHFEILPDILQEYLLYVRYTAI
LIDPFSQPDENGHYFDFSAVPFKQVYKNEQDVVQIPRMPSEDYYRTAMIQHIGKMLGIKTPMIDQFLTRYEASCQAYKDM
HQDQQLSSQFNTNLFEGDKALVTKFLEINRTLSLEHHHHHH
;
_entity_poly.pdbx_strand_id   A,B
#
loop_
_chem_comp.id
_chem_comp.type
_chem_comp.name
_chem_comp.formula
2PE non-polymer 'NONAETHYLENE GLYCOL' 'C18 H38 O10'
GOL non-polymer GLYCEROL 'C3 H8 O3'
#
# COMPACT_ATOMS: atom_id res chain seq x y z
N SER A 2 34.87 24.37 -33.85
CA SER A 2 33.57 24.91 -33.33
C SER A 2 32.32 24.55 -34.21
N LYS A 3 32.26 23.31 -34.65
CA LYS A 3 31.04 22.71 -35.17
C LYS A 3 30.59 21.57 -34.22
N LEU A 4 29.28 21.54 -33.95
CA LEU A 4 28.64 20.55 -33.13
C LEU A 4 27.56 19.86 -33.90
N LEU A 5 27.57 18.53 -33.82
CA LEU A 5 26.59 17.67 -34.47
C LEU A 5 25.64 17.07 -33.41
N MET A 6 24.37 17.38 -33.52
CA MET A 6 23.35 16.98 -32.62
C MET A 6 22.60 15.84 -33.33
N ILE A 7 22.73 14.64 -32.78
CA ILE A 7 22.13 13.45 -33.32
C ILE A 7 20.83 13.27 -32.60
N GLY A 8 19.74 13.46 -33.33
CA GLY A 8 18.38 13.31 -32.81
C GLY A 8 17.65 14.53 -33.31
N THR A 9 16.36 14.39 -33.58
CA THR A 9 15.51 15.56 -33.84
C THR A 9 14.21 15.64 -33.01
N GLY A 10 14.08 14.80 -32.00
CA GLY A 10 12.94 14.87 -31.09
C GLY A 10 13.06 16.01 -30.11
N PRO A 11 12.14 16.05 -29.13
CA PRO A 11 12.13 17.17 -28.20
C PRO A 11 13.40 17.35 -27.33
N VAL A 12 14.09 16.27 -27.02
CA VAL A 12 15.33 16.38 -26.27
C VAL A 12 16.34 17.13 -27.09
N ALA A 13 16.52 16.69 -28.32
CA ALA A 13 17.42 17.35 -29.27
C ALA A 13 17.18 18.84 -29.42
N ILE A 14 15.91 19.23 -29.61
CA ILE A 14 15.50 20.65 -29.77
C ILE A 14 15.83 21.52 -28.53
N GLN A 15 15.44 21.01 -27.37
CA GLN A 15 15.75 21.74 -26.15
C GLN A 15 17.25 21.90 -25.99
N LEU A 16 18.02 20.85 -26.26
CA LEU A 16 19.51 20.96 -26.11
C LEU A 16 20.11 21.86 -27.20
N ALA A 17 19.55 21.82 -28.38
CA ALA A 17 20.05 22.71 -29.42
C ALA A 17 19.73 24.18 -29.06
N ASN A 18 18.58 24.47 -28.46
CA ASN A 18 18.34 25.79 -27.98
C ASN A 18 19.38 26.21 -26.98
N ILE A 19 19.75 25.31 -26.06
CA ILE A 19 20.82 25.59 -25.07
C ILE A 19 22.09 25.98 -25.82
N CYS A 20 22.50 25.18 -26.81
CA CYS A 20 23.75 25.43 -27.48
C CYS A 20 23.70 26.73 -28.33
N TYR A 21 22.54 26.99 -28.90
CA TYR A 21 22.32 28.19 -29.68
C TYR A 21 22.49 29.45 -28.83
N LEU A 22 22.01 29.40 -27.59
CA LEU A 22 21.96 30.58 -26.74
C LEU A 22 23.22 30.69 -25.95
N LYS A 23 23.83 29.57 -25.61
CA LYS A 23 24.88 29.59 -24.59
C LYS A 23 26.26 29.13 -25.05
N SER A 24 26.41 28.60 -26.27
CA SER A 24 27.72 28.18 -26.80
C SER A 24 28.15 28.99 -28.07
N ASP A 25 29.37 28.76 -28.58
CA ASP A 25 29.87 29.39 -29.79
C ASP A 25 29.73 28.50 -31.01
N TYR A 26 29.23 27.30 -30.83
CA TYR A 26 29.16 26.31 -31.90
C TYR A 26 28.14 26.67 -32.98
N GLU A 27 28.45 26.34 -34.22
CA GLU A 27 27.45 26.20 -35.24
C GLU A 27 26.88 24.80 -35.09
N ILE A 28 25.56 24.70 -35.17
CA ILE A 28 24.86 23.46 -34.91
C ILE A 28 24.27 22.89 -36.16
N ASP A 29 24.65 21.64 -36.42
CA ASP A 29 23.90 20.77 -37.33
C ASP A 29 23.17 19.68 -36.58
N MET A 30 21.93 19.38 -36.95
CA MET A 30 21.17 18.30 -36.35
C MET A 30 20.97 17.24 -37.40
N VAL A 31 20.88 15.97 -36.95
CA VAL A 31 20.71 14.84 -37.84
C VAL A 31 19.48 14.04 -37.41
N GLY A 32 18.54 13.88 -38.33
CA GLY A 32 17.39 13.03 -38.11
C GLY A 32 17.63 11.69 -38.77
N ARG A 33 16.59 10.89 -38.93
CA ARG A 33 16.70 9.71 -39.76
C ARG A 33 15.34 9.46 -40.40
N ALA A 34 15.03 10.27 -41.41
CA ALA A 34 13.77 10.12 -42.16
C ALA A 34 13.60 8.81 -43.02
N SER A 35 14.71 8.28 -43.49
CA SER A 35 14.66 7.07 -44.29
C SER A 35 14.43 5.80 -43.43
N THR A 36 13.47 5.84 -42.50
CA THR A 36 13.54 5.06 -41.22
C THR A 36 12.47 5.46 -40.18
N SER A 37 11.90 6.67 -40.30
CA SER A 37 11.05 7.22 -39.22
C SER A 37 10.07 8.26 -39.74
N GLU A 38 8.78 8.00 -39.59
CA GLU A 38 7.78 8.99 -40.04
C GLU A 38 7.71 10.18 -39.05
N LYS A 39 8.06 9.98 -37.79
CA LYS A 39 8.16 11.11 -36.85
C LYS A 39 9.28 12.10 -37.35
N SER A 40 10.46 11.52 -37.58
CA SER A 40 11.68 12.23 -38.03
C SER A 40 11.45 12.99 -39.37
N LYS A 41 10.72 12.35 -40.29
CA LYS A 41 10.22 12.97 -41.54
C LYS A 41 9.29 14.15 -41.25
N ARG A 42 8.30 14.00 -40.39
CA ARG A 42 7.42 15.15 -40.09
C ARG A 42 8.19 16.34 -39.52
N LEU A 43 9.19 16.06 -38.69
CA LEU A 43 10.00 17.11 -38.15
C LEU A 43 10.79 17.80 -39.24
N TYR A 44 11.41 17.02 -40.13
CA TYR A 44 12.14 17.61 -41.23
C TYR A 44 11.25 18.59 -42.03
N GLN A 45 10.03 18.19 -42.34
CA GLN A 45 9.12 18.94 -43.16
C GLN A 45 8.68 20.18 -42.40
N ALA A 46 8.43 20.02 -41.11
CA ALA A 46 8.02 21.18 -40.34
C ALA A 46 9.10 22.26 -40.19
N TYR A 47 10.37 21.85 -40.01
CA TYR A 47 11.49 22.80 -39.92
C TYR A 47 11.79 23.44 -41.30
N LYS A 48 11.64 22.65 -42.35
CA LYS A 48 11.82 23.11 -43.74
C LYS A 48 10.82 24.25 -44.05
N LYS A 49 9.58 24.13 -43.57
CA LYS A 49 8.54 25.12 -43.78
C LYS A 49 8.76 26.39 -42.93
N GLU A 50 9.00 26.24 -41.63
CA GLU A 50 9.17 27.41 -40.72
C GLU A 50 10.61 28.00 -40.65
N LYS A 51 11.62 27.17 -40.85
CA LYS A 51 13.02 27.54 -40.58
C LYS A 51 13.30 28.04 -39.13
N GLN A 52 12.51 27.57 -38.18
CA GLN A 52 12.63 27.90 -36.76
C GLN A 52 12.25 26.60 -36.02
N PHE A 53 12.92 26.39 -34.89
CA PHE A 53 12.48 25.44 -33.85
C PHE A 53 11.97 26.32 -32.76
N GLU A 54 11.15 25.77 -31.85
CA GLU A 54 10.79 26.54 -30.65
C GLU A 54 10.66 25.73 -29.38
N VAL A 55 11.37 26.13 -28.32
CA VAL A 55 11.09 25.66 -26.97
C VAL A 55 10.19 26.64 -26.21
N LYS A 56 9.02 26.15 -25.79
CA LYS A 56 8.10 26.85 -24.85
C LYS A 56 8.27 26.21 -23.47
N ILE A 57 7.91 26.96 -22.43
CA ILE A 57 7.92 26.46 -21.05
C ILE A 57 6.55 26.63 -20.37
N GLN A 58 6.23 25.72 -19.45
CA GLN A 58 4.91 25.67 -18.79
C GLN A 58 4.97 26.59 -17.58
N ASN A 59 6.10 26.53 -16.86
CA ASN A 59 6.35 27.21 -15.56
C ASN A 59 7.55 28.20 -15.71
N GLU A 60 7.28 29.49 -15.43
CA GLU A 60 8.23 30.61 -15.67
C GLU A 60 9.55 30.45 -14.94
N ALA A 61 9.62 29.51 -14.01
CA ALA A 61 10.88 29.18 -13.35
C ALA A 61 11.92 28.74 -14.35
N HIS A 62 11.50 28.20 -15.48
CA HIS A 62 12.44 27.74 -16.49
C HIS A 62 12.55 28.62 -17.75
N GLN A 63 12.47 29.94 -17.57
CA GLN A 63 12.60 30.92 -18.67
C GLN A 63 13.93 30.78 -19.40
N HIS A 64 15.00 30.57 -18.64
CA HIS A 64 16.35 30.42 -19.19
C HIS A 64 16.58 29.26 -20.26
N LEU A 65 15.61 28.34 -20.37
CA LEU A 65 15.59 27.28 -21.38
C LEU A 65 14.77 27.57 -22.66
N GLU A 66 13.88 28.56 -22.60
CA GLU A 66 12.95 28.82 -23.73
C GLU A 66 13.67 29.51 -24.89
N GLY A 67 13.01 29.51 -26.03
CA GLY A 67 13.40 30.35 -27.16
C GLY A 67 13.10 29.78 -28.55
N LYS A 68 13.18 30.69 -29.53
CA LYS A 68 12.95 30.32 -30.91
C LYS A 68 14.31 30.33 -31.52
N PHE A 69 14.61 29.39 -32.40
CA PHE A 69 15.93 29.40 -32.96
C PHE A 69 15.99 28.69 -34.29
N GLU A 70 17.10 28.90 -34.98
CA GLU A 70 17.48 28.28 -36.23
C GLU A 70 18.78 27.60 -35.93
N ILE A 71 19.07 26.56 -36.69
CA ILE A 71 20.38 25.91 -36.66
C ILE A 71 21.02 26.13 -38.04
N ASN A 72 22.29 25.91 -38.17
CA ASN A 72 23.02 25.92 -39.43
C ASN A 72 22.50 24.95 -40.50
N ARG A 73 22.28 23.70 -40.11
CA ARG A 73 21.85 22.67 -41.05
C ARG A 73 21.17 21.50 -40.34
N LEU A 74 20.02 21.11 -40.86
CA LEU A 74 19.29 19.95 -40.47
C LEU A 74 19.52 18.93 -41.58
N TYR A 75 20.17 17.82 -41.24
CA TYR A 75 20.37 16.72 -42.17
C TYR A 75 19.15 15.82 -42.05
N LYS A 76 18.76 15.18 -43.14
CA LYS A 76 17.58 14.30 -43.16
C LYS A 76 17.87 12.91 -42.63
N ASP A 77 19.09 12.43 -42.89
CA ASP A 77 19.59 11.13 -42.51
C ASP A 77 21.07 11.19 -42.10
N VAL A 78 21.43 10.24 -41.24
CA VAL A 78 22.79 10.11 -40.71
C VAL A 78 23.84 9.92 -41.76
N LYS A 79 23.61 9.01 -42.67
CA LYS A 79 24.53 8.82 -43.79
C LYS A 79 24.85 10.09 -44.58
N ASN A 80 23.96 11.09 -44.56
CA ASN A 80 24.17 12.38 -45.29
C ASN A 80 25.22 13.32 -44.67
N VAL A 81 25.50 13.13 -43.39
CA VAL A 81 26.41 13.98 -42.70
C VAL A 81 27.75 13.98 -43.41
N LYS A 82 28.34 15.14 -43.57
CA LYS A 82 29.71 15.25 -44.07
C LYS A 82 30.49 16.31 -43.31
N GLY A 83 31.80 16.20 -43.34
CA GLY A 83 32.69 17.20 -42.77
C GLY A 83 33.02 16.94 -41.33
N GLU A 84 33.74 17.90 -40.77
CA GLU A 84 34.36 17.80 -39.49
C GLU A 84 33.48 18.42 -38.42
N TYR A 85 33.44 17.78 -37.26
CA TYR A 85 32.70 18.25 -36.12
C TYR A 85 33.54 17.95 -34.88
N GLU A 86 33.82 18.93 -34.07
CA GLU A 86 34.61 18.78 -32.87
C GLU A 86 33.86 17.96 -31.79
N THR A 87 32.56 18.28 -31.64
CA THR A 87 31.69 17.80 -30.63
C THR A 87 30.44 17.15 -31.26
N VAL A 88 30.05 15.98 -30.75
CA VAL A 88 28.88 15.25 -31.12
C VAL A 88 28.05 15.04 -29.84
N VAL A 89 26.78 15.41 -29.89
CA VAL A 89 25.84 15.22 -28.81
C VAL A 89 24.87 14.15 -29.27
N MET A 90 24.75 13.09 -28.44
CA MET A 90 23.83 12.00 -28.76
C MET A 90 22.57 12.17 -27.97
N ALA A 91 21.55 12.61 -28.65
CA ALA A 91 20.34 12.97 -28.00
C ALA A 91 19.27 11.96 -28.28
N CYS A 92 19.65 10.80 -28.82
CA CYS A 92 18.72 9.68 -29.20
C CYS A 92 18.69 8.57 -28.10
N THR A 93 18.07 7.43 -28.39
CA THR A 93 18.03 6.33 -27.41
C THR A 93 19.33 5.58 -27.39
N ALA A 94 19.77 5.20 -26.18
CA ALA A 94 21.08 4.51 -26.02
C ALA A 94 21.33 3.29 -26.95
N ASP A 95 20.27 2.55 -27.29
CA ASP A 95 20.40 1.38 -28.18
C ASP A 95 20.82 1.73 -29.63
N ALA A 96 20.76 3.00 -30.01
CA ALA A 96 21.07 3.39 -31.35
C ALA A 96 22.38 4.08 -31.44
N TYR A 97 23.17 4.10 -30.35
CA TYR A 97 24.36 4.97 -30.35
C TYR A 97 25.31 4.41 -31.41
N TYR A 98 25.67 3.15 -31.25
CA TYR A 98 26.64 2.52 -32.11
C TYR A 98 26.16 2.46 -33.58
N ASP A 99 24.94 2.00 -33.80
CA ASP A 99 24.40 1.88 -35.12
C ASP A 99 24.36 3.23 -35.84
N THR A 100 24.16 4.31 -35.10
CA THR A 100 24.15 5.64 -35.65
C THR A 100 25.55 6.13 -35.97
N LEU A 101 26.45 6.06 -35.00
CA LEU A 101 27.85 6.51 -35.19
C LEU A 101 28.57 5.76 -36.31
N GLN A 102 28.22 4.49 -36.45
CA GLN A 102 28.84 3.62 -37.44
C GLN A 102 28.49 4.02 -38.90
N GLN A 103 27.40 4.79 -39.08
CA GLN A 103 26.99 5.34 -40.38
C GLN A 103 27.66 6.66 -40.78
N LEU A 104 28.39 7.28 -39.85
CA LEU A 104 29.10 8.49 -40.15
C LEU A 104 30.34 8.19 -40.98
N SER A 105 30.86 9.22 -41.63
CA SER A 105 31.96 9.04 -42.49
C SER A 105 33.22 8.94 -41.67
N LEU A 106 34.21 8.33 -42.27
CA LEU A 106 35.57 8.30 -41.76
C LEU A 106 36.12 9.66 -41.41
N GLU A 107 36.09 10.59 -42.34
CA GLU A 107 36.50 11.97 -42.08
C GLU A 107 35.79 12.60 -40.86
N THR A 108 34.47 12.49 -40.83
CA THR A 108 33.68 13.03 -39.69
C THR A 108 34.19 12.37 -38.38
N LEU A 109 34.22 11.05 -38.38
CA LEU A 109 34.68 10.31 -37.18
C LEU A 109 36.05 10.73 -36.66
N GLN A 110 37.01 10.85 -37.56
CA GLN A 110 38.39 11.24 -37.23
C GLN A 110 38.51 12.65 -36.73
N SER A 111 37.56 13.50 -37.10
CA SER A 111 37.51 14.86 -36.59
C SER A 111 37.01 15.00 -35.13
N VAL A 112 36.22 14.05 -34.64
CA VAL A 112 35.54 14.19 -33.33
C VAL A 112 36.51 14.20 -32.15
N LYS A 113 36.34 15.17 -31.26
CA LYS A 113 37.05 15.29 -30.01
C LYS A 113 36.26 14.93 -28.75
N HIS A 114 34.93 15.10 -28.77
CA HIS A 114 34.06 15.00 -27.60
C HIS A 114 32.77 14.39 -28.09
N VAL A 115 32.37 13.29 -27.43
CA VAL A 115 31.04 12.76 -27.63
C VAL A 115 30.34 12.87 -26.28
N ILE A 116 29.14 13.45 -26.29
CA ILE A 116 28.40 13.71 -25.11
C ILE A 116 27.15 12.91 -25.13
N LEU A 117 26.94 12.10 -24.10
CA LEU A 117 25.80 11.17 -24.07
C LEU A 117 24.74 11.63 -23.12
N ILE A 118 23.55 11.94 -23.65
CA ILE A 118 22.49 12.60 -22.92
C ILE A 118 21.63 11.63 -22.11
N SER A 119 21.21 10.53 -22.70
CA SER A 119 20.42 9.48 -22.00
C SER A 119 21.09 8.11 -22.13
N PRO A 120 22.37 7.98 -21.74
CA PRO A 120 23.04 6.70 -21.83
C PRO A 120 22.46 5.71 -20.84
N THR A 121 22.72 4.45 -21.11
CA THR A 121 22.48 3.43 -20.16
C THR A 121 23.85 3.04 -19.59
N PHE A 122 23.80 2.12 -18.65
CA PHE A 122 24.98 1.60 -17.96
C PHE A 122 25.78 0.83 -18.99
N GLY A 123 26.98 1.30 -19.27
CA GLY A 123 27.83 0.76 -20.35
C GLY A 123 27.95 1.56 -21.67
N SER A 124 27.15 2.59 -21.83
CA SER A 124 27.10 3.32 -23.12
C SER A 124 28.40 3.97 -23.43
N GLN A 125 28.98 4.63 -22.46
CA GLN A 125 30.31 5.20 -22.68
C GLN A 125 31.36 4.17 -23.11
N MET A 126 31.34 2.96 -22.55
CA MET A 126 32.29 1.91 -22.97
C MET A 126 32.10 1.57 -24.44
N ILE A 127 30.85 1.48 -24.88
CA ILE A 127 30.53 1.19 -26.27
C ILE A 127 31.05 2.33 -27.22
N VAL A 128 30.82 3.57 -26.79
CA VAL A 128 31.05 4.72 -27.62
C VAL A 128 32.54 5.01 -27.60
N GLU A 129 33.17 4.99 -26.43
CA GLU A 129 34.62 5.20 -26.38
C GLU A 129 35.31 4.13 -27.25
N GLN A 130 34.86 2.88 -27.15
CA GLN A 130 35.57 1.78 -27.82
C GLN A 130 35.44 1.93 -29.32
N PHE A 131 34.23 2.26 -29.75
CA PHE A 131 33.98 2.49 -31.18
C PHE A 131 34.84 3.63 -31.71
N MET A 132 34.75 4.78 -31.05
CA MET A 132 35.42 6.01 -31.49
C MET A 132 36.95 5.94 -31.42
N SER A 133 37.47 5.00 -30.64
CA SER A 133 38.89 4.75 -30.53
C SER A 133 39.65 4.48 -31.78
N LYS A 134 39.01 3.82 -32.75
CA LYS A 134 39.62 3.52 -34.04
C LYS A 134 40.06 4.82 -34.73
N PHE A 135 39.23 5.84 -34.61
CA PHE A 135 39.29 7.04 -35.44
C PHE A 135 39.90 8.26 -34.75
N SER A 136 39.71 8.37 -33.43
CA SER A 136 40.34 9.39 -32.53
C SER A 136 41.06 8.67 -31.43
N GLN A 137 42.36 8.87 -31.28
CA GLN A 137 43.06 8.23 -30.15
C GLN A 137 42.72 8.79 -28.78
N ASP A 138 42.40 10.06 -28.67
CA ASP A 138 42.13 10.60 -27.36
C ASP A 138 40.69 11.13 -27.21
N ILE A 139 39.75 10.50 -27.90
CA ILE A 139 38.33 10.87 -27.81
C ILE A 139 37.87 11.08 -26.34
N GLU A 140 37.18 12.16 -26.08
CA GLU A 140 36.66 12.39 -24.76
C GLU A 140 35.20 12.00 -24.84
N VAL A 141 34.73 11.18 -23.90
CA VAL A 141 33.33 10.76 -23.85
C VAL A 141 32.74 11.23 -22.54
N ILE A 142 31.54 11.81 -22.61
CA ILE A 142 30.86 12.39 -21.44
C ILE A 142 29.49 11.78 -21.33
N SER A 143 29.11 11.33 -20.12
CA SER A 143 27.81 10.72 -19.89
C SER A 143 27.09 11.50 -18.84
N PHE A 144 25.88 11.90 -19.14
CA PHE A 144 24.96 12.31 -18.10
C PHE A 144 24.18 11.11 -17.57
N SER A 145 23.61 11.30 -16.38
CA SER A 145 22.73 10.39 -15.69
C SER A 145 21.40 10.24 -16.36
N THR A 146 20.78 11.38 -16.63
CA THR A 146 19.62 11.44 -17.52
C THR A 146 19.58 12.79 -18.26
N TYR A 147 18.67 12.88 -19.21
CA TYR A 147 18.20 14.12 -19.71
C TYR A 147 17.75 15.03 -18.54
N LEU A 148 17.90 16.34 -18.75
CA LEU A 148 17.67 17.35 -17.73
C LEU A 148 16.25 17.55 -17.31
N GLY A 149 15.29 17.05 -18.08
CA GLY A 149 13.92 17.32 -17.72
C GLY A 149 12.87 16.51 -18.42
N ASP A 150 11.71 17.13 -18.56
CA ASP A 150 10.61 16.63 -19.37
C ASP A 150 10.28 17.62 -20.48
N THR A 151 10.38 17.17 -21.72
CA THR A 151 10.08 17.97 -22.87
C THR A 151 9.19 17.17 -23.81
N ARG A 152 8.08 17.73 -24.26
CA ARG A 152 7.28 17.02 -25.25
C ARG A 152 6.83 17.87 -26.44
N ILE A 153 6.10 17.23 -27.32
CA ILE A 153 5.43 17.89 -28.40
C ILE A 153 3.97 17.91 -28.00
N VAL A 154 3.43 19.10 -27.73
CA VAL A 154 1.98 19.22 -27.46
C VAL A 154 1.11 18.86 -28.68
N ASP A 155 1.58 19.20 -29.88
CA ASP A 155 0.81 19.09 -31.13
C ASP A 155 1.67 18.40 -32.21
N LYS A 156 1.43 17.11 -32.49
CA LYS A 156 2.36 16.30 -33.33
C LYS A 156 2.47 16.72 -34.80
N GLU A 157 1.57 17.59 -35.26
CA GLU A 157 1.58 18.11 -36.61
C GLU A 157 2.48 19.36 -36.69
N ALA A 158 2.88 19.90 -35.53
CA ALA A 158 3.93 20.93 -35.38
C ALA A 158 5.11 20.46 -34.46
N PRO A 159 5.86 19.43 -34.84
CA PRO A 159 6.93 18.85 -33.96
C PRO A 159 8.21 19.67 -33.74
N ASN A 160 8.42 20.73 -34.52
CA ASN A 160 9.51 21.70 -34.26
C ASN A 160 9.24 22.66 -33.08
N HIS A 161 8.07 22.53 -32.48
CA HIS A 161 7.64 23.31 -31.33
C HIS A 161 7.48 22.39 -30.15
N VAL A 162 8.26 22.63 -29.11
CA VAL A 162 8.26 21.73 -27.94
C VAL A 162 8.07 22.49 -26.65
N LEU A 163 7.63 21.77 -25.62
CA LEU A 163 7.29 22.32 -24.31
C LEU A 163 8.10 21.58 -23.28
N THR A 164 8.92 22.31 -22.54
CA THR A 164 9.62 21.73 -21.45
C THR A 164 8.74 21.93 -20.19
N THR A 165 8.22 20.83 -19.63
CA THR A 165 7.26 20.85 -18.50
C THR A 165 7.91 20.79 -17.11
N GLY A 166 9.18 20.41 -17.03
CA GLY A 166 9.84 20.31 -15.76
C GLY A 166 11.31 20.01 -15.91
N VAL A 167 12.05 20.37 -14.86
CA VAL A 167 13.48 20.20 -14.77
C VAL A 167 13.87 19.41 -13.49
N LYS A 168 14.79 18.47 -13.65
CA LYS A 168 15.26 17.66 -12.56
C LYS A 168 15.94 18.51 -11.53
N LYS A 169 15.82 18.04 -10.29
CA LYS A 169 16.54 18.60 -9.14
C LYS A 169 18.02 18.56 -9.37
N LYS A 170 18.52 17.41 -9.77
CA LYS A 170 19.96 17.16 -9.80
C LYS A 170 20.31 16.16 -10.93
N LEU A 171 21.41 16.39 -11.62
CA LEU A 171 21.94 15.49 -12.61
C LEU A 171 23.37 15.22 -12.23
N TYR A 172 23.96 14.20 -12.86
CA TYR A 172 25.33 13.84 -12.65
C TYR A 172 25.99 13.79 -13.98
N MET A 173 27.30 13.88 -13.96
CA MET A 173 28.05 13.81 -15.17
C MET A 173 29.45 13.30 -14.90
N GLY A 174 29.97 12.51 -15.82
CA GLY A 174 31.35 12.04 -15.68
C GLY A 174 31.96 12.07 -17.05
N SER A 175 33.26 12.30 -17.11
CA SER A 175 33.95 12.27 -18.41
C SER A 175 35.06 11.28 -18.24
N THR A 176 35.48 10.72 -19.38
CA THR A 176 36.71 9.98 -19.52
C THR A 176 37.96 10.79 -19.17
N HIS A 177 37.86 12.10 -19.25
CA HIS A 177 38.97 13.02 -19.02
C HIS A 177 38.64 13.86 -17.82
N SER A 178 39.35 13.58 -16.74
CA SER A 178 39.06 14.22 -15.47
C SER A 178 39.31 15.72 -15.55
N ASN A 179 38.35 16.46 -14.99
CA ASN A 179 38.38 17.93 -15.00
C ASN A 179 38.70 18.59 -16.34
N SER A 180 38.24 18.00 -17.43
CA SER A 180 38.45 18.58 -18.76
C SER A 180 37.89 20.03 -18.88
N THR A 181 38.34 20.76 -19.89
CA THR A 181 37.77 22.09 -20.25
C THR A 181 36.26 22.03 -20.51
N MET A 182 35.91 20.96 -21.22
CA MET A 182 34.54 20.63 -21.51
C MET A 182 33.77 20.37 -20.23
N CYS A 183 34.33 19.62 -19.29
CA CYS A 183 33.57 19.44 -18.04
C CYS A 183 33.31 20.78 -17.37
N GLN A 184 34.36 21.57 -17.27
CA GLN A 184 34.28 22.89 -16.65
C GLN A 184 33.24 23.77 -17.36
N ARG A 185 33.20 23.71 -18.71
CA ARG A 185 32.21 24.48 -19.43
C ARG A 185 30.79 23.99 -19.26
N ILE A 186 30.61 22.69 -19.15
CA ILE A 186 29.26 22.17 -18.87
C ILE A 186 28.79 22.57 -17.46
N SER A 187 29.71 22.50 -16.51
CA SER A 187 29.44 22.97 -15.14
C SER A 187 29.06 24.43 -15.13
N ALA A 188 29.85 25.25 -15.81
CA ALA A 188 29.54 26.70 -15.83
C ALA A 188 28.23 26.85 -16.51
N LEU A 189 28.02 26.08 -17.59
CA LEU A 189 26.73 26.06 -18.28
C LEU A 189 25.58 25.71 -17.36
N ALA A 190 25.73 24.65 -16.54
CA ALA A 190 24.63 24.21 -15.63
C ALA A 190 24.34 25.25 -14.57
N GLU A 191 25.37 25.90 -14.01
CA GLU A 191 25.12 27.03 -13.04
C GLU A 191 24.25 28.13 -13.70
N GLN A 192 24.55 28.48 -14.96
CA GLN A 192 23.77 29.48 -15.68
C GLN A 192 22.32 29.05 -15.84
N LEU A 193 22.10 27.76 -16.07
CA LEU A 193 20.73 27.24 -16.21
C LEU A 193 20.01 26.97 -14.86
N LYS A 194 20.73 27.15 -13.72
CA LYS A 194 20.17 26.89 -12.38
C LYS A 194 19.68 25.43 -12.29
N ILE A 195 20.53 24.54 -12.82
CA ILE A 195 20.38 23.10 -12.72
C ILE A 195 21.55 22.69 -11.90
N GLN A 196 21.29 21.87 -10.90
CA GLN A 196 22.33 21.37 -10.05
C GLN A 196 23.00 20.21 -10.78
N LEU A 197 24.28 20.28 -10.96
CA LEU A 197 25.00 19.22 -11.62
C LEU A 197 26.14 18.77 -10.79
N GLU A 198 26.10 17.53 -10.31
CA GLU A 198 27.28 16.94 -9.62
C GLU A 198 28.16 16.27 -10.66
N VAL A 199 29.43 16.61 -10.63
CA VAL A 199 30.43 15.98 -11.46
C VAL A 199 31.00 14.83 -10.68
N VAL A 200 31.05 13.65 -11.32
CA VAL A 200 31.49 12.41 -10.68
C VAL A 200 32.70 11.91 -11.47
N GLU A 201 33.27 10.83 -11.00
CA GLU A 201 34.60 10.36 -11.42
C GLU A 201 34.63 9.71 -12.76
N SER A 202 33.52 9.10 -13.18
CA SER A 202 33.54 8.47 -14.49
C SER A 202 32.17 8.50 -15.14
N PRO A 203 32.14 8.41 -16.47
CA PRO A 203 30.84 8.27 -17.15
C PRO A 203 29.99 7.08 -16.63
N LEU A 204 30.66 5.97 -16.31
CA LEU A 204 29.97 4.83 -15.75
C LEU A 204 29.31 5.21 -14.44
N HIS A 205 29.99 5.99 -13.60
CA HIS A 205 29.42 6.44 -12.31
C HIS A 205 28.14 7.23 -12.58
N ALA A 206 28.19 8.17 -13.55
CA ALA A 206 27.03 8.96 -13.85
C ALA A 206 25.87 8.12 -14.40
N GLU A 207 26.17 7.22 -15.32
CA GLU A 207 25.19 6.29 -15.91
C GLU A 207 24.39 5.44 -14.87
N THR A 208 24.98 5.18 -13.70
CA THR A 208 24.37 4.42 -12.60
C THR A 208 23.48 5.24 -11.69
N ARG A 209 23.48 6.57 -11.81
CA ARG A 209 22.64 7.46 -11.01
C ARG A 209 21.31 7.75 -11.72
N ASN A 210 20.75 6.73 -12.32
CA ASN A 210 19.50 6.80 -13.08
C ASN A 210 18.57 5.77 -12.46
N SER A 211 17.52 6.24 -11.83
CA SER A 211 16.70 5.38 -10.99
C SER A 211 15.95 4.31 -11.85
N SER A 212 15.72 4.64 -13.12
CA SER A 212 15.02 3.78 -14.08
C SER A 212 15.75 2.50 -14.38
N LEU A 213 17.07 2.54 -14.36
CA LEU A 213 17.90 1.35 -14.47
C LEU A 213 17.45 0.23 -13.55
N TYR A 214 17.20 0.59 -12.30
CA TYR A 214 16.88 -0.36 -11.21
C TYR A 214 15.38 -0.70 -11.14
N VAL A 215 14.56 0.27 -11.52
CA VAL A 215 13.11 0.22 -11.29
C VAL A 215 12.36 -0.37 -12.47
N HIS A 216 12.75 -0.01 -13.66
CA HIS A 216 11.92 -0.35 -14.83
C HIS A 216 11.91 -1.84 -15.15
N PRO A 217 13.06 -2.52 -14.96
CA PRO A 217 13.02 -3.91 -15.30
C PRO A 217 12.09 -4.73 -14.41
N PRO A 218 12.11 -4.50 -13.06
CA PRO A 218 11.13 -5.23 -12.28
C PRO A 218 9.67 -4.82 -12.56
N LEU A 219 9.45 -3.57 -12.92
CA LEU A 219 8.06 -3.11 -13.12
C LEU A 219 7.49 -3.63 -14.44
N PHE A 220 8.34 -3.77 -15.48
CA PHE A 220 7.80 -4.08 -16.79
C PHE A 220 8.13 -5.47 -17.28
N MET A 221 9.11 -6.15 -16.69
CA MET A 221 9.51 -7.45 -17.23
C MET A 221 9.10 -8.54 -16.26
N ASN A 222 7.80 -8.57 -16.00
CA ASN A 222 7.15 -9.59 -15.21
C ASN A 222 5.91 -9.99 -15.95
N ASP A 223 5.31 -11.11 -15.52
CA ASP A 223 4.19 -11.70 -16.22
C ASP A 223 2.95 -10.78 -16.28
N PHE A 224 2.65 -10.07 -15.20
CA PHE A 224 1.51 -9.19 -15.18
C PHE A 224 1.71 -8.11 -16.23
N SER A 225 2.85 -7.40 -16.17
CA SER A 225 3.12 -6.31 -17.04
C SER A 225 3.29 -6.73 -18.52
N LEU A 226 3.98 -7.85 -18.78
CA LEU A 226 4.15 -8.34 -20.14
C LEU A 226 2.83 -8.74 -20.82
N LYS A 227 1.99 -9.49 -20.11
CA LYS A 227 0.61 -9.69 -20.51
C LYS A 227 -0.08 -8.35 -20.89
N ALA A 228 -0.04 -7.33 -20.02
CA ALA A 228 -0.74 -6.06 -20.31
C ALA A 228 -0.21 -5.37 -21.59
N ILE A 229 1.09 -5.53 -21.88
CA ILE A 229 1.78 -4.89 -23.01
C ILE A 229 1.54 -5.64 -24.36
N PHE A 230 1.73 -6.96 -24.33
CA PHE A 230 1.74 -7.78 -25.49
C PHE A 230 0.37 -8.39 -25.80
N GLU A 231 -0.45 -8.60 -24.79
CA GLU A 231 -1.76 -9.24 -25.00
C GLU A 231 -2.92 -8.34 -24.70
N GLY A 232 -2.78 -7.44 -23.72
CA GLY A 232 -3.94 -6.66 -23.23
C GLY A 232 -4.64 -7.38 -22.09
N THR A 233 -5.60 -6.68 -21.45
CA THR A 233 -6.29 -7.17 -20.27
C THR A 233 -7.78 -6.90 -20.42
N ASP A 234 -8.59 -7.46 -19.51
CA ASP A 234 -10.08 -7.31 -19.57
C ASP A 234 -10.53 -5.91 -19.15
N VAL A 235 -9.87 -5.40 -18.12
CA VAL A 235 -10.13 -4.03 -17.62
C VAL A 235 -8.77 -3.31 -17.59
N PRO A 236 -8.76 -1.97 -17.79
CA PRO A 236 -7.45 -1.32 -17.64
C PRO A 236 -6.69 -1.65 -16.34
N VAL A 237 -5.37 -1.84 -16.49
CA VAL A 237 -4.45 -1.92 -15.36
C VAL A 237 -3.40 -0.85 -15.37
N TYR A 238 -2.70 -0.70 -14.25
CA TYR A 238 -1.87 0.48 -14.07
C TYR A 238 -0.45 0.14 -13.57
N VAL A 239 0.54 0.82 -14.13
CA VAL A 239 1.98 0.49 -13.90
C VAL A 239 2.35 0.51 -12.42
N TYR A 240 1.76 1.44 -11.66
CA TYR A 240 2.18 1.80 -10.30
C TYR A 240 1.23 1.30 -9.22
N LYS A 241 0.21 0.55 -9.62
CA LYS A 241 -0.75 0.14 -8.67
C LYS A 241 -0.41 -1.23 -8.14
N LEU A 242 -0.99 -1.52 -6.98
CA LEU A 242 -0.90 -2.80 -6.31
C LEU A 242 -1.79 -3.84 -6.99
N PHE A 243 -1.36 -5.08 -6.96
CA PHE A 243 -2.13 -6.16 -7.50
C PHE A 243 -3.47 -6.27 -6.79
N PRO A 244 -4.57 -6.44 -7.56
CA PRO A 244 -4.64 -6.75 -8.99
C PRO A 244 -4.80 -5.60 -9.98
N GLU A 245 -4.77 -4.39 -9.45
CA GLU A 245 -4.88 -3.20 -10.25
C GLU A 245 -3.62 -2.92 -11.05
N GLY A 246 -2.47 -3.47 -10.60
CA GLY A 246 -1.16 -3.23 -11.19
C GLY A 246 -0.17 -4.34 -10.75
N PRO A 247 1.11 -4.25 -11.16
CA PRO A 247 2.01 -5.34 -10.88
C PRO A 247 2.55 -5.40 -9.48
N ILE A 248 2.31 -4.39 -8.66
CA ILE A 248 3.09 -4.26 -7.44
C ILE A 248 2.61 -5.15 -6.31
N THR A 249 3.61 -5.81 -5.73
CA THR A 249 3.45 -7.03 -5.03
C THR A 249 4.77 -7.23 -4.27
N MET A 250 4.78 -7.97 -3.17
CA MET A 250 6.00 -8.31 -2.47
C MET A 250 7.03 -8.99 -3.37
N THR A 251 6.56 -9.86 -4.26
CA THR A 251 7.35 -10.52 -5.28
C THR A 251 8.04 -9.52 -6.19
N LEU A 252 7.33 -8.46 -6.59
CA LEU A 252 7.92 -7.48 -7.46
C LEU A 252 9.04 -6.71 -6.77
N ILE A 253 8.82 -6.39 -5.50
CA ILE A 253 9.75 -5.58 -4.77
C ILE A 253 11.05 -6.39 -4.48
N ARG A 254 10.90 -7.69 -4.23
CA ARG A 254 12.03 -8.59 -3.99
C ARG A 254 12.87 -8.65 -5.27
N GLU A 255 12.19 -8.80 -6.39
CA GLU A 255 12.87 -8.81 -7.68
C GLU A 255 13.65 -7.51 -7.92
N MET A 256 13.02 -6.40 -7.58
CA MET A 256 13.71 -5.12 -7.59
C MET A 256 14.95 -5.06 -6.65
N ARG A 257 14.85 -5.59 -5.45
CA ARG A 257 16.01 -5.56 -4.57
C ARG A 257 17.10 -6.44 -5.12
N LEU A 258 16.75 -7.56 -5.69
CA LEU A 258 17.72 -8.53 -6.17
C LEU A 258 18.49 -7.97 -7.36
N MET A 259 17.74 -7.41 -8.30
CA MET A 259 18.36 -6.76 -9.40
C MET A 259 19.28 -5.63 -8.98
N TRP A 260 18.82 -4.80 -8.07
CA TRP A 260 19.64 -3.70 -7.59
C TRP A 260 20.95 -4.17 -7.00
N LYS A 261 20.88 -5.29 -6.27
CA LYS A 261 22.05 -5.84 -5.63
C LYS A 261 22.99 -6.48 -6.60
N GLU A 262 22.46 -7.10 -7.64
CA GLU A 262 23.24 -7.60 -8.75
C GLU A 262 23.97 -6.41 -9.37
N MET A 263 23.25 -5.36 -9.67
CA MET A 263 23.92 -4.12 -10.11
C MET A 263 25.01 -3.63 -9.17
N MET A 264 24.76 -3.64 -7.86
CA MET A 264 25.76 -3.14 -6.94
C MET A 264 27.06 -4.00 -6.89
N ALA A 265 26.94 -5.30 -7.16
CA ALA A 265 28.11 -6.14 -7.24
C ALA A 265 28.94 -5.71 -8.44
N ILE A 266 28.25 -5.39 -9.53
CA ILE A 266 28.93 -4.91 -10.74
C ILE A 266 29.64 -3.60 -10.53
N LEU A 267 28.97 -2.64 -9.88
CA LEU A 267 29.56 -1.38 -9.54
C LEU A 267 30.80 -1.52 -8.68
N GLN A 268 30.77 -2.48 -7.76
CA GLN A 268 31.93 -2.76 -6.95
C GLN A 268 33.12 -3.29 -7.76
N ALA A 269 32.85 -4.11 -8.76
CA ALA A 269 33.92 -4.58 -9.62
C ALA A 269 34.64 -3.40 -10.33
N PHE A 270 33.95 -2.28 -10.55
CA PHE A 270 34.50 -1.09 -11.15
C PHE A 270 34.89 -0.03 -10.13
N ARG A 271 34.73 -0.31 -8.84
CA ARG A 271 34.96 0.66 -7.77
C ARG A 271 34.12 1.97 -7.93
N VAL A 272 32.90 1.78 -8.29
CA VAL A 272 31.96 2.88 -8.40
C VAL A 272 31.10 2.87 -7.16
N PRO A 273 30.87 4.00 -6.54
CA PRO A 273 30.01 3.91 -5.33
C PRO A 273 28.62 3.34 -5.59
N SER A 274 28.09 2.68 -4.59
CA SER A 274 26.77 2.11 -4.60
C SER A 274 25.70 3.21 -4.59
N VAL A 275 24.51 2.79 -4.91
CA VAL A 275 23.37 3.70 -5.02
C VAL A 275 22.35 3.37 -3.96
N ASN A 276 21.97 4.37 -3.20
CA ASN A 276 20.99 4.19 -2.15
C ASN A 276 19.66 4.43 -2.86
N LEU A 277 19.08 3.34 -3.26
CA LEU A 277 17.93 3.37 -4.17
C LEU A 277 16.78 4.12 -3.53
N LEU A 278 16.57 3.83 -2.24
CA LEU A 278 15.45 4.40 -1.51
C LEU A 278 15.60 5.92 -1.37
N GLN A 279 16.80 6.37 -0.99
CA GLN A 279 17.08 7.81 -0.83
C GLN A 279 16.88 8.52 -2.15
N PHE A 280 17.39 7.91 -3.21
CA PHE A 280 17.24 8.41 -4.56
C PHE A 280 15.78 8.60 -4.94
N MET A 281 14.97 7.58 -4.73
CA MET A 281 13.55 7.66 -5.03
C MET A 281 12.81 8.77 -4.25
N VAL A 282 13.21 8.98 -3.01
CA VAL A 282 12.44 9.80 -2.07
C VAL A 282 12.95 11.26 -1.97
N LYS A 283 14.27 11.45 -2.09
CA LYS A 283 14.92 12.78 -2.04
C LYS A 283 15.10 13.41 -3.41
N GLU A 284 15.44 12.59 -4.41
CA GLU A 284 15.67 13.07 -5.77
C GLU A 284 14.50 12.92 -6.73
N ASN A 285 13.58 11.95 -6.50
CA ASN A 285 12.47 11.67 -7.43
C ASN A 285 11.12 12.31 -6.99
N TYR A 286 10.40 11.70 -6.04
CA TYR A 286 9.15 12.25 -5.52
C TYR A 286 9.17 12.12 -3.99
N PRO A 287 8.76 13.20 -3.28
CA PRO A 287 8.79 13.15 -1.83
C PRO A 287 7.62 12.38 -1.22
N VAL A 288 7.82 11.95 0.02
CA VAL A 288 6.73 11.38 0.83
C VAL A 288 6.63 12.16 2.13
N ARG A 289 5.48 12.02 2.80
CA ARG A 289 5.24 12.71 4.03
C ARG A 289 6.16 12.14 5.07
N PRO A 290 6.58 12.96 6.03
CA PRO A 290 7.55 12.57 7.07
C PRO A 290 7.14 11.36 7.88
N GLU A 291 5.81 11.29 8.14
CA GLU A 291 5.20 10.20 8.88
C GLU A 291 5.31 8.82 8.22
N THR A 292 5.58 8.79 6.91
CA THR A 292 5.56 7.54 6.12
C THR A 292 6.82 6.77 6.23
N LEU A 293 7.95 7.47 6.10
CA LEU A 293 9.28 6.82 6.25
C LEU A 293 10.19 7.56 7.22
N ASP A 294 10.89 6.81 8.01
CA ASP A 294 11.79 7.40 8.95
C ASP A 294 13.05 7.85 8.23
N GLU A 295 13.53 9.05 8.58
CA GLU A 295 14.75 9.61 7.96
C GLU A 295 15.93 8.71 8.06
N GLY A 296 16.09 8.06 9.20
CA GLY A 296 17.20 7.16 9.34
C GLY A 296 17.08 5.95 8.48
N ASP A 297 15.83 5.47 8.25
CA ASP A 297 15.64 4.34 7.42
C ASP A 297 16.15 4.68 6.02
N ILE A 298 15.88 5.89 5.59
CA ILE A 298 16.23 6.38 4.28
C ILE A 298 17.74 6.48 4.10
N GLU A 299 18.39 7.16 5.04
CA GLU A 299 19.86 7.32 5.06
C GLU A 299 20.60 6.04 5.07
N HIS A 300 20.24 5.16 5.98
CA HIS A 300 21.01 3.94 6.19
C HIS A 300 20.50 2.72 5.42
N PHE A 301 19.70 2.96 4.37
CA PHE A 301 19.06 1.90 3.55
C PHE A 301 19.94 0.77 3.10
N GLU A 302 21.14 1.12 2.66
CA GLU A 302 22.05 0.15 2.05
C GLU A 302 22.60 -0.86 3.05
N ILE A 303 22.52 -0.59 4.34
CA ILE A 303 23.03 -1.52 5.34
C ILE A 303 21.96 -2.26 6.11
N LEU A 304 20.72 -1.87 5.85
CA LEU A 304 19.55 -2.50 6.46
C LEU A 304 19.40 -3.95 5.99
N PRO A 305 18.81 -4.79 6.81
CA PRO A 305 18.63 -6.15 6.30
C PRO A 305 17.63 -6.17 5.10
N ASP A 306 17.80 -7.21 4.32
CA ASP A 306 17.10 -7.43 3.07
C ASP A 306 15.60 -7.23 3.19
N ILE A 307 14.98 -7.84 4.21
CA ILE A 307 13.56 -7.84 4.37
C ILE A 307 13.15 -6.43 4.69
N LEU A 308 13.94 -5.71 5.51
CA LEU A 308 13.65 -4.28 5.78
C LEU A 308 13.77 -3.44 4.53
N GLN A 309 14.81 -3.63 3.75
CA GLN A 309 14.92 -2.96 2.45
C GLN A 309 13.66 -3.17 1.53
N GLU A 310 13.17 -4.39 1.50
CA GLU A 310 12.01 -4.68 0.72
C GLU A 310 10.79 -3.92 1.28
N TYR A 311 10.63 -3.95 2.60
CA TYR A 311 9.47 -3.32 3.22
C TYR A 311 9.44 -1.85 2.89
N LEU A 312 10.57 -1.20 3.03
CA LEU A 312 10.62 0.23 2.81
C LEU A 312 10.36 0.56 1.33
N LEU A 313 10.81 -0.30 0.42
CA LEU A 313 10.55 -0.05 -0.98
C LEU A 313 9.06 -0.21 -1.22
N TYR A 314 8.47 -1.25 -0.63
CA TYR A 314 7.07 -1.47 -0.78
C TYR A 314 6.28 -0.26 -0.29
N VAL A 315 6.57 0.17 0.94
CA VAL A 315 5.90 1.34 1.48
C VAL A 315 6.07 2.54 0.58
N ARG A 316 7.30 2.78 0.12
CA ARG A 316 7.58 3.85 -0.79
C ARG A 316 6.53 3.86 -1.92
N TYR A 317 6.30 2.72 -2.56
CA TYR A 317 5.34 2.66 -3.67
C TYR A 317 3.90 2.84 -3.21
N THR A 318 3.55 2.39 -2.01
CA THR A 318 2.18 2.59 -1.52
C THR A 318 1.88 4.05 -1.22
N ALA A 319 2.91 4.75 -0.79
CA ALA A 319 2.81 6.15 -0.41
C ALA A 319 2.57 7.08 -1.57
N ILE A 320 2.95 6.62 -2.74
CA ILE A 320 2.95 7.36 -3.96
C ILE A 320 1.72 6.91 -4.81
N LEU A 321 0.83 6.08 -4.25
CA LEU A 321 -0.36 5.68 -4.98
C LEU A 321 -1.19 6.90 -5.28
N ILE A 322 -1.24 7.84 -4.33
CA ILE A 322 -1.74 9.20 -4.51
C ILE A 322 -0.54 10.16 -4.43
N ASP A 323 -0.72 11.40 -4.85
CA ASP A 323 0.25 12.42 -4.58
C ASP A 323 -0.11 12.94 -3.17
N PRO A 324 0.69 12.61 -2.15
CA PRO A 324 0.22 13.01 -0.81
C PRO A 324 0.42 14.53 -0.53
N PHE A 325 1.00 15.27 -1.49
CA PHE A 325 1.22 16.69 -1.39
C PHE A 325 0.22 17.51 -2.19
N SER A 326 -0.67 16.82 -2.89
CA SER A 326 -1.73 17.44 -3.69
C SER A 326 -2.81 17.93 -2.74
N GLN A 327 -3.69 18.77 -3.21
CA GLN A 327 -4.78 19.28 -2.34
C GLN A 327 -5.89 18.28 -2.37
N PRO A 328 -6.27 17.73 -1.22
CA PRO A 328 -7.37 16.76 -1.27
C PRO A 328 -8.67 17.46 -1.46
N ASP A 329 -9.66 16.75 -2.02
CA ASP A 329 -10.96 17.33 -2.31
C ASP A 329 -11.79 17.21 -1.06
N GLU A 330 -13.04 17.68 -1.14
CA GLU A 330 -14.01 17.64 -0.03
C GLU A 330 -14.39 16.24 0.51
N ASN A 331 -14.11 15.18 -0.24
CA ASN A 331 -14.25 13.81 0.30
C ASN A 331 -12.95 13.27 0.90
N GLY A 332 -11.89 14.07 0.88
CA GLY A 332 -10.57 13.63 1.31
C GLY A 332 -9.84 12.71 0.33
N HIS A 333 -10.05 12.92 -0.97
CA HIS A 333 -9.39 12.10 -1.97
C HIS A 333 -8.33 12.95 -2.64
N TYR A 334 -7.17 12.36 -2.89
CA TYR A 334 -6.03 13.08 -3.45
C TYR A 334 -5.90 12.71 -4.91
N PHE A 335 -4.98 13.39 -5.60
CA PHE A 335 -4.82 13.18 -7.03
C PHE A 335 -4.21 11.77 -7.24
N ASP A 336 -4.75 11.04 -8.24
CA ASP A 336 -4.49 9.61 -8.47
C ASP A 336 -3.23 9.48 -9.28
N PHE A 337 -2.11 9.67 -8.59
CA PHE A 337 -0.76 9.65 -9.13
C PHE A 337 -0.38 8.30 -9.80
N SER A 338 -0.99 7.20 -9.33
CA SER A 338 -0.71 5.77 -9.71
C SER A 338 -1.23 5.28 -11.09
N ALA A 339 -2.17 6.07 -11.59
CA ALA A 339 -3.06 5.62 -12.65
C ALA A 339 -2.41 5.86 -13.98
N VAL A 340 -1.21 5.33 -14.15
CA VAL A 340 -0.51 5.38 -15.39
C VAL A 340 -0.82 4.08 -16.14
N PRO A 341 -1.49 4.18 -17.31
CA PRO A 341 -1.74 3.02 -18.14
C PRO A 341 -0.47 2.46 -18.73
N PHE A 342 -0.43 1.17 -19.01
CA PHE A 342 0.69 0.64 -19.82
C PHE A 342 0.54 0.96 -21.32
N LYS A 343 1.59 1.40 -22.00
CA LYS A 343 1.50 1.47 -23.48
C LYS A 343 1.62 0.05 -24.00
N GLN A 344 0.71 -0.36 -24.90
CA GLN A 344 0.75 -1.68 -25.49
C GLN A 344 1.46 -1.71 -26.85
N VAL A 345 1.81 -2.91 -27.33
CA VAL A 345 2.33 -3.07 -28.72
C VAL A 345 1.29 -2.45 -29.65
N TYR A 346 1.78 -1.80 -30.71
CA TYR A 346 0.97 -0.96 -31.57
C TYR A 346 1.57 -1.00 -32.99
N LYS A 347 0.73 -0.71 -33.98
CA LYS A 347 1.12 -0.81 -35.41
C LYS A 347 1.51 0.55 -35.81
N ASN A 348 2.65 0.71 -36.45
CA ASN A 348 3.06 1.98 -37.02
C ASN A 348 2.29 2.25 -38.30
N GLU A 349 2.57 3.42 -38.87
CA GLU A 349 1.87 3.92 -40.08
C GLU A 349 2.05 3.03 -41.33
N GLN A 350 3.06 2.16 -41.36
CA GLN A 350 3.23 1.13 -42.40
C GLN A 350 2.79 -0.29 -41.93
N ASP A 351 1.92 -0.36 -40.92
CA ASP A 351 1.41 -1.61 -40.35
C ASP A 351 2.40 -2.56 -39.72
N VAL A 352 3.54 -2.05 -39.26
CA VAL A 352 4.55 -2.88 -38.64
C VAL A 352 4.31 -2.76 -37.14
N VAL A 353 4.24 -3.90 -36.42
CA VAL A 353 4.01 -3.89 -34.97
C VAL A 353 5.28 -3.47 -34.22
N GLN A 354 5.11 -2.50 -33.32
CA GLN A 354 6.20 -1.94 -32.55
C GLN A 354 6.00 -2.33 -31.09
N ILE A 355 7.10 -2.55 -30.39
CA ILE A 355 7.08 -2.67 -28.93
C ILE A 355 7.36 -1.28 -28.40
N PRO A 356 6.52 -0.82 -27.48
CA PRO A 356 6.77 0.52 -26.85
C PRO A 356 8.12 0.64 -26.17
N ARG A 357 8.59 1.89 -25.93
CA ARG A 357 9.80 2.19 -25.14
C ARG A 357 9.91 1.35 -23.86
N MET A 358 8.81 1.24 -23.12
CA MET A 358 8.74 0.35 -21.97
C MET A 358 8.06 -0.89 -22.47
N PRO A 359 8.76 -2.03 -22.69
CA PRO A 359 10.08 -2.34 -22.19
C PRO A 359 11.17 -2.55 -23.22
N SER A 360 10.98 -2.07 -24.43
CA SER A 360 12.02 -2.19 -25.45
C SER A 360 13.38 -1.77 -24.96
N GLU A 361 13.41 -0.58 -24.38
CA GLU A 361 14.65 0.02 -24.06
C GLU A 361 15.27 -0.70 -22.90
N ASP A 362 14.44 -1.15 -21.97
CA ASP A 362 14.86 -1.93 -20.79
C ASP A 362 15.45 -3.25 -21.12
N TYR A 363 14.97 -3.82 -22.24
CA TYR A 363 15.52 -5.01 -22.74
C TYR A 363 16.97 -4.74 -23.15
N TYR A 364 17.21 -3.65 -23.87
CA TYR A 364 18.58 -3.32 -24.23
C TYR A 364 19.46 -3.07 -22.98
N ARG A 365 18.92 -2.35 -22.02
CA ARG A 365 19.67 -1.94 -20.85
C ARG A 365 20.11 -3.12 -20.03
N THR A 366 19.15 -4.00 -19.80
CA THR A 366 19.42 -5.15 -19.00
C THR A 366 20.30 -6.12 -19.73
N ALA A 367 20.17 -6.17 -21.07
CA ALA A 367 21.03 -7.01 -21.86
C ALA A 367 22.48 -6.58 -21.81
N MET A 368 22.75 -5.28 -21.73
CA MET A 368 24.12 -4.83 -21.65
C MET A 368 24.63 -5.12 -20.26
N ILE A 369 23.77 -4.92 -19.25
CA ILE A 369 24.14 -5.26 -17.89
C ILE A 369 24.51 -6.72 -17.76
N GLN A 370 23.65 -7.58 -18.25
CA GLN A 370 23.94 -9.01 -18.24
C GLN A 370 25.32 -9.31 -18.90
N HIS A 371 25.57 -8.74 -20.07
CA HIS A 371 26.79 -9.02 -20.79
C HIS A 371 28.00 -8.60 -19.99
N ILE A 372 27.91 -7.45 -19.36
CA ILE A 372 28.97 -6.91 -18.56
C ILE A 372 29.23 -7.80 -17.30
N GLY A 373 28.16 -8.20 -16.60
CA GLY A 373 28.25 -9.21 -15.54
C GLY A 373 29.02 -10.44 -15.96
N LYS A 374 28.59 -11.03 -17.09
CA LYS A 374 29.20 -12.23 -17.66
C LYS A 374 30.69 -12.08 -17.86
N MET A 375 31.10 -10.98 -18.44
CA MET A 375 32.48 -10.68 -18.68
C MET A 375 33.25 -10.50 -17.38
N LEU A 376 32.58 -10.08 -16.31
CA LEU A 376 33.24 -9.93 -15.01
C LEU A 376 33.12 -11.18 -14.10
N GLY A 377 32.45 -12.21 -14.56
CA GLY A 377 32.03 -13.32 -13.71
C GLY A 377 31.12 -13.00 -12.54
N ILE A 378 30.26 -11.99 -12.66
CA ILE A 378 29.30 -11.70 -11.62
C ILE A 378 28.02 -12.40 -12.05
N LYS A 379 27.47 -13.24 -11.18
CA LYS A 379 26.21 -13.94 -11.45
C LYS A 379 25.09 -12.90 -11.42
N THR A 380 24.18 -12.93 -12.38
CA THR A 380 23.05 -11.97 -12.37
C THR A 380 21.76 -12.75 -12.61
N PRO A 381 21.39 -13.72 -11.72
CA PRO A 381 20.18 -14.54 -12.00
C PRO A 381 18.84 -13.80 -12.14
N MET A 382 18.63 -12.71 -11.44
CA MET A 382 17.38 -11.95 -11.61
C MET A 382 17.35 -11.27 -12.98
N ILE A 383 18.47 -10.67 -13.37
CA ILE A 383 18.52 -10.06 -14.69
C ILE A 383 18.32 -11.16 -15.73
N ASP A 384 18.93 -12.36 -15.54
CA ASP A 384 18.80 -13.41 -16.58
C ASP A 384 17.30 -13.74 -16.82
N GLN A 385 16.58 -13.82 -15.73
CA GLN A 385 15.13 -14.07 -15.72
C GLN A 385 14.25 -12.98 -16.39
N PHE A 386 14.60 -11.73 -16.15
CA PHE A 386 13.89 -10.62 -16.84
C PHE A 386 14.00 -10.73 -18.35
N LEU A 387 15.23 -11.00 -18.79
CA LEU A 387 15.53 -11.14 -20.18
C LEU A 387 14.73 -12.34 -20.75
N THR A 388 14.78 -13.46 -20.02
CA THR A 388 14.12 -14.70 -20.44
C THR A 388 12.63 -14.42 -20.68
N ARG A 389 11.99 -13.65 -19.80
CA ARG A 389 10.54 -13.44 -19.90
C ARG A 389 10.22 -12.50 -21.04
N TYR A 390 11.03 -11.44 -21.22
CA TYR A 390 10.84 -10.55 -22.35
C TYR A 390 10.98 -11.29 -23.66
N GLU A 391 11.96 -12.19 -23.73
CA GLU A 391 12.12 -13.03 -24.93
C GLU A 391 10.92 -13.99 -25.14
N ALA A 392 10.43 -14.63 -24.07
CA ALA A 392 9.24 -15.51 -24.16
C ALA A 392 8.05 -14.73 -24.68
N SER A 393 7.84 -13.51 -24.16
CA SER A 393 6.73 -12.69 -24.64
C SER A 393 6.85 -12.34 -26.09
N CYS A 394 8.06 -12.08 -26.54
CA CYS A 394 8.32 -11.74 -27.95
C CYS A 394 8.03 -12.95 -28.88
N GLN A 395 8.50 -14.11 -28.47
CA GLN A 395 8.30 -15.33 -29.21
C GLN A 395 6.85 -15.72 -29.23
N ALA A 396 6.16 -15.63 -28.11
CA ALA A 396 4.73 -15.95 -28.11
C ALA A 396 4.00 -15.01 -29.07
N TYR A 397 4.39 -13.75 -29.11
CA TYR A 397 3.77 -12.81 -30.03
C TYR A 397 3.93 -13.19 -31.53
N LYS A 398 5.14 -13.58 -31.90
CA LYS A 398 5.42 -14.07 -33.25
C LYS A 398 4.49 -15.22 -33.63
N ASP A 399 4.41 -16.18 -32.71
CA ASP A 399 3.68 -17.42 -32.96
C ASP A 399 2.21 -17.08 -33.05
N MET A 400 1.75 -16.24 -32.13
CA MET A 400 0.37 -15.89 -32.05
C MET A 400 -0.04 -14.86 -33.11
N HIS A 401 0.87 -14.23 -33.86
CA HIS A 401 0.51 -13.22 -34.87
C HIS A 401 1.31 -13.33 -36.15
N GLN A 402 1.25 -14.52 -36.75
CA GLN A 402 2.02 -14.82 -37.93
C GLN A 402 1.56 -14.00 -39.11
N ASP A 403 0.30 -13.62 -39.13
CA ASP A 403 -0.22 -12.72 -40.18
C ASP A 403 0.28 -11.26 -40.11
N GLN A 404 1.02 -10.87 -39.06
CA GLN A 404 1.40 -9.47 -38.84
C GLN A 404 2.88 -9.26 -39.21
N GLN A 405 3.15 -8.08 -39.73
CA GLN A 405 4.49 -7.62 -40.03
C GLN A 405 5.01 -7.00 -38.69
N LEU A 406 6.22 -7.34 -38.28
CA LEU A 406 6.77 -7.00 -36.96
C LEU A 406 8.12 -6.31 -37.10
N SER A 407 8.41 -5.43 -36.15
CA SER A 407 9.62 -4.65 -36.23
C SER A 407 10.78 -5.59 -35.88
N SER A 408 11.98 -5.09 -36.06
CA SER A 408 13.17 -5.85 -35.75
C SER A 408 13.36 -6.04 -34.26
N GLN A 409 12.58 -5.30 -33.45
CA GLN A 409 12.62 -5.41 -32.00
C GLN A 409 12.22 -6.78 -31.53
N PHE A 410 11.50 -7.52 -32.37
CA PHE A 410 11.08 -8.89 -32.05
C PHE A 410 12.16 -9.97 -32.32
N ASN A 411 13.30 -9.61 -32.94
CA ASN A 411 14.35 -10.57 -33.29
C ASN A 411 15.22 -10.94 -32.10
N THR A 412 15.96 -12.02 -32.25
CA THR A 412 17.16 -12.27 -31.41
C THR A 412 18.32 -12.15 -32.32
N ASN A 413 19.52 -12.49 -31.89
CA ASN A 413 20.07 -11.89 -30.70
C ASN A 413 20.49 -10.51 -31.26
N LEU A 414 19.80 -9.50 -30.79
CA LEU A 414 20.12 -8.13 -31.11
C LEU A 414 21.32 -7.76 -30.27
N PHE A 415 21.89 -6.60 -30.63
CA PHE A 415 22.91 -5.91 -29.82
C PHE A 415 24.24 -6.56 -29.92
N GLU A 416 24.43 -7.42 -30.92
CA GLU A 416 25.71 -8.13 -31.13
C GLU A 416 26.93 -7.21 -31.16
N GLY A 417 26.81 -6.17 -32.01
CA GLY A 417 27.82 -5.17 -32.12
C GLY A 417 28.12 -4.42 -30.82
N ASP A 418 27.06 -4.08 -30.05
CA ASP A 418 27.24 -3.32 -28.80
C ASP A 418 28.04 -4.21 -27.86
N LYS A 419 27.69 -5.49 -27.82
CA LYS A 419 28.31 -6.44 -26.94
C LYS A 419 29.78 -6.66 -27.30
N ALA A 420 30.07 -6.76 -28.59
CA ALA A 420 31.45 -6.99 -29.05
C ALA A 420 32.33 -5.82 -28.65
N LEU A 421 31.78 -4.61 -28.72
CA LEU A 421 32.51 -3.43 -28.26
C LEU A 421 32.78 -3.41 -26.76
N VAL A 422 31.80 -3.82 -25.98
CA VAL A 422 31.94 -3.90 -24.54
C VAL A 422 33.03 -4.92 -24.23
N THR A 423 32.99 -6.06 -24.91
CA THR A 423 33.97 -7.12 -24.72
C THR A 423 35.37 -6.58 -24.96
N LYS A 424 35.53 -6.00 -26.14
CA LYS A 424 36.80 -5.37 -26.55
C LYS A 424 37.28 -4.30 -25.57
N PHE A 425 36.37 -3.45 -25.11
CA PHE A 425 36.74 -2.45 -24.15
C PHE A 425 37.28 -3.06 -22.87
N LEU A 426 36.62 -4.08 -22.35
CA LEU A 426 37.06 -4.69 -21.08
C LEU A 426 38.34 -5.51 -21.24
N GLU A 427 38.52 -6.20 -22.37
CA GLU A 427 39.86 -6.76 -22.81
C GLU A 427 40.98 -5.74 -22.57
N ILE A 428 40.78 -4.53 -23.09
CA ILE A 428 41.78 -3.46 -22.97
C ILE A 428 41.74 -2.74 -21.63
N ASN A 429 40.55 -2.55 -21.09
CA ASN A 429 40.11 -1.55 -20.06
C ASN A 429 40.26 -0.05 -20.60
N SER B 2 -35.99 -23.19 32.33
CA SER B 2 -36.75 -22.78 31.08
C SER B 2 -37.22 -21.32 30.97
N LYS B 3 -36.67 -20.43 31.78
CA LYS B 3 -36.77 -19.03 31.51
C LYS B 3 -35.36 -18.51 31.11
N LEU B 4 -35.34 -17.69 30.04
CA LEU B 4 -34.12 -17.00 29.57
C LEU B 4 -34.17 -15.45 29.61
N LEU B 5 -33.15 -14.85 30.21
CA LEU B 5 -33.03 -13.41 30.29
C LEU B 5 -31.99 -12.90 29.26
N MET B 6 -32.48 -12.22 28.24
CA MET B 6 -31.68 -11.59 27.21
C MET B 6 -31.46 -10.11 27.58
N ILE B 7 -30.22 -9.81 27.98
CA ILE B 7 -29.83 -8.47 28.34
C ILE B 7 -29.36 -7.73 27.09
N GLY B 8 -30.12 -6.72 26.67
CA GLY B 8 -29.79 -5.89 25.53
C GLY B 8 -31.06 -5.91 24.72
N THR B 9 -31.31 -4.81 24.02
CA THR B 9 -32.36 -4.74 23.06
C THR B 9 -31.92 -4.16 21.66
N GLY B 10 -30.61 -4.25 21.40
CA GLY B 10 -30.02 -3.86 20.11
C GLY B 10 -30.16 -4.99 19.10
N PRO B 11 -29.68 -4.78 17.86
CA PRO B 11 -29.85 -5.81 16.84
C PRO B 11 -29.26 -7.18 17.20
N VAL B 12 -28.21 -7.22 18.00
CA VAL B 12 -27.66 -8.51 18.42
C VAL B 12 -28.69 -9.29 19.20
N ALA B 13 -29.14 -8.69 20.30
CA ALA B 13 -30.19 -9.24 21.17
C ALA B 13 -31.36 -9.78 20.40
N ILE B 14 -31.86 -8.99 19.45
CA ILE B 14 -33.04 -9.30 18.66
C ILE B 14 -32.78 -10.54 17.78
N GLN B 15 -31.59 -10.62 17.17
CA GLN B 15 -31.33 -11.74 16.27
C GLN B 15 -31.19 -12.95 17.14
N LEU B 16 -30.56 -12.79 18.30
CA LEU B 16 -30.33 -13.94 19.21
C LEU B 16 -31.65 -14.40 19.81
N ALA B 17 -32.53 -13.47 20.08
CA ALA B 17 -33.83 -13.82 20.62
C ALA B 17 -34.68 -14.61 19.60
N ASN B 18 -34.60 -14.26 18.33
CA ASN B 18 -35.31 -15.01 17.29
C ASN B 18 -34.79 -16.39 17.13
N ILE B 19 -33.48 -16.55 17.33
CA ILE B 19 -32.88 -17.87 17.36
C ILE B 19 -33.45 -18.68 18.52
N CYS B 20 -33.49 -18.12 19.73
CA CYS B 20 -34.06 -18.84 20.92
C CYS B 20 -35.57 -19.16 20.73
N TYR B 21 -36.27 -18.27 20.06
CA TYR B 21 -37.67 -18.42 19.85
C TYR B 21 -37.95 -19.58 18.89
N LEU B 22 -37.15 -19.72 17.82
CA LEU B 22 -37.39 -20.75 16.82
C LEU B 22 -36.78 -22.05 17.25
N LYS B 23 -35.71 -22.00 18.02
CA LYS B 23 -34.92 -23.19 18.15
C LYS B 23 -34.71 -23.64 19.59
N SER B 24 -35.26 -22.95 20.58
CA SER B 24 -35.17 -23.43 21.97
C SER B 24 -36.55 -23.58 22.64
N ASP B 25 -36.55 -24.13 23.86
CA ASP B 25 -37.79 -24.25 24.67
C ASP B 25 -37.90 -23.13 25.72
N TYR B 26 -36.98 -22.16 25.69
CA TYR B 26 -36.98 -21.13 26.70
C TYR B 26 -38.16 -20.16 26.52
N GLU B 27 -38.76 -19.69 27.63
CA GLU B 27 -39.55 -18.43 27.64
C GLU B 27 -38.53 -17.29 27.65
N ILE B 28 -38.72 -16.29 26.80
CA ILE B 28 -37.73 -15.21 26.59
C ILE B 28 -38.14 -13.89 27.24
N ASP B 29 -37.36 -13.41 28.20
CA ASP B 29 -37.46 -11.98 28.62
C ASP B 29 -36.22 -11.15 28.13
N MET B 30 -36.49 -9.99 27.54
CA MET B 30 -35.50 -9.04 27.12
C MET B 30 -35.50 -7.87 28.08
N VAL B 31 -34.31 -7.29 28.27
CA VAL B 31 -34.06 -6.19 29.20
C VAL B 31 -33.29 -5.07 28.51
N GLY B 32 -33.94 -3.92 28.41
CA GLY B 32 -33.28 -2.73 27.92
C GLY B 32 -32.79 -1.86 29.05
N ARG B 33 -32.74 -0.57 28.75
CA ARG B 33 -32.52 0.45 29.77
C ARG B 33 -32.93 1.83 29.25
N ALA B 34 -34.23 2.16 29.31
CA ALA B 34 -34.73 3.56 29.15
C ALA B 34 -34.13 4.55 30.12
N SER B 35 -33.84 4.09 31.35
CA SER B 35 -33.21 4.95 32.37
C SER B 35 -31.94 5.65 31.91
N THR B 36 -31.29 5.13 30.87
CA THR B 36 -30.00 5.63 30.39
C THR B 36 -29.98 6.01 28.89
N SER B 37 -30.88 5.45 28.07
CA SER B 37 -30.66 5.34 26.61
C SER B 37 -31.91 5.68 25.82
N GLU B 38 -31.81 6.65 24.90
CA GLU B 38 -32.97 6.98 24.04
C GLU B 38 -33.08 5.97 22.88
N LYS B 39 -32.02 5.21 22.61
CA LYS B 39 -32.12 4.05 21.70
C LYS B 39 -33.08 3.00 22.32
N SER B 40 -32.69 2.47 23.48
CA SER B 40 -33.51 1.61 24.32
C SER B 40 -34.97 2.06 24.42
N LYS B 41 -35.22 3.36 24.64
CA LYS B 41 -36.58 3.84 24.81
C LYS B 41 -37.36 3.76 23.51
N ARG B 42 -36.81 4.21 22.37
CA ARG B 42 -37.57 4.11 21.08
C ARG B 42 -37.84 2.66 20.65
N LEU B 43 -37.00 1.74 21.13
CA LEU B 43 -37.21 0.34 20.95
C LEU B 43 -38.38 -0.18 21.80
N TYR B 44 -38.35 0.05 23.11
CA TYR B 44 -39.48 -0.31 24.00
C TYR B 44 -40.79 0.14 23.38
N GLN B 45 -40.82 1.40 23.01
CA GLN B 45 -41.97 2.03 22.39
C GLN B 45 -42.36 1.37 21.10
N ALA B 46 -41.40 1.04 20.26
CA ALA B 46 -41.73 0.46 18.96
C ALA B 46 -42.27 -0.97 19.09
N TYR B 47 -41.70 -1.75 20.03
CA TYR B 47 -42.20 -3.10 20.35
C TYR B 47 -43.56 -3.08 21.02
N LYS B 48 -43.73 -2.20 22.01
CA LYS B 48 -45.02 -1.93 22.65
C LYS B 48 -46.15 -1.70 21.62
N LYS B 49 -45.89 -0.91 20.59
CA LYS B 49 -46.86 -0.59 19.55
C LYS B 49 -47.20 -1.81 18.69
N GLU B 50 -46.19 -2.57 18.25
CA GLU B 50 -46.38 -3.65 17.24
C GLU B 50 -46.50 -5.06 17.81
N LYS B 51 -45.99 -5.26 19.01
CA LYS B 51 -45.89 -6.57 19.65
C LYS B 51 -45.19 -7.65 18.82
N GLN B 52 -44.31 -7.22 17.91
CA GLN B 52 -43.43 -8.12 17.14
C GLN B 52 -42.02 -7.55 17.08
N PHE B 53 -41.05 -8.44 17.21
CA PHE B 53 -39.74 -8.26 16.55
C PHE B 53 -39.70 -8.89 15.13
N GLU B 54 -38.75 -8.44 14.31
CA GLU B 54 -38.53 -9.00 12.97
C GLU B 54 -37.06 -8.97 12.56
N VAL B 55 -36.55 -10.16 12.22
CA VAL B 55 -35.25 -10.31 11.55
C VAL B 55 -35.49 -10.57 10.04
N LYS B 56 -34.98 -9.63 9.23
CA LYS B 56 -34.81 -9.79 7.76
C LYS B 56 -33.36 -10.20 7.42
N ILE B 57 -33.19 -10.86 6.28
CA ILE B 57 -31.85 -11.16 5.74
C ILE B 57 -31.70 -10.72 4.28
N GLN B 58 -30.45 -10.62 3.84
CA GLN B 58 -30.07 -10.07 2.52
C GLN B 58 -29.78 -11.23 1.58
N ASN B 59 -28.80 -12.04 1.97
CA ASN B 59 -28.37 -13.20 1.23
C ASN B 59 -29.28 -14.35 1.72
N GLU B 60 -30.07 -14.91 0.79
CA GLU B 60 -31.02 -15.96 1.10
C GLU B 60 -30.37 -17.21 1.71
N ALA B 61 -29.03 -17.26 1.73
CA ALA B 61 -28.27 -18.31 2.44
C ALA B 61 -28.50 -18.37 3.94
N HIS B 62 -28.87 -17.22 4.52
CA HIS B 62 -29.08 -17.11 5.97
C HIS B 62 -30.57 -17.17 6.42
N GLN B 63 -31.42 -17.82 5.61
CA GLN B 63 -32.90 -17.93 5.79
C GLN B 63 -33.29 -18.29 7.20
N HIS B 64 -32.63 -19.34 7.69
CA HIS B 64 -32.76 -19.88 9.03
C HIS B 64 -32.58 -18.91 10.27
N LEU B 65 -32.11 -17.70 10.01
CA LEU B 65 -32.02 -16.64 11.04
C LEU B 65 -33.18 -15.65 11.03
N GLU B 66 -33.95 -15.64 9.94
CA GLU B 66 -35.00 -14.65 9.75
C GLU B 66 -36.24 -15.03 10.58
N GLY B 67 -37.07 -14.05 10.81
CA GLY B 67 -38.29 -14.30 11.52
C GLY B 67 -38.95 -13.06 12.09
N LYS B 68 -40.26 -13.14 12.09
CA LYS B 68 -41.11 -12.34 12.96
C LYS B 68 -41.35 -13.14 14.24
N PHE B 69 -41.31 -12.46 15.38
CA PHE B 69 -41.50 -13.17 16.65
C PHE B 69 -41.89 -12.20 17.78
N GLU B 70 -42.29 -12.80 18.90
CA GLU B 70 -42.73 -12.08 20.10
C GLU B 70 -41.98 -12.70 21.26
N ILE B 71 -41.87 -11.94 22.31
CA ILE B 71 -41.07 -12.24 23.46
C ILE B 71 -42.14 -12.46 24.54
N ASN B 72 -41.80 -13.13 25.64
CA ASN B 72 -42.71 -13.21 26.77
C ASN B 72 -42.85 -11.79 27.46
N ARG B 73 -41.72 -11.12 27.72
CA ARG B 73 -41.73 -9.83 28.33
C ARG B 73 -40.52 -8.96 27.91
N LEU B 74 -40.82 -7.75 27.49
CA LEU B 74 -39.79 -6.72 27.41
C LEU B 74 -39.74 -5.89 28.71
N TYR B 75 -38.67 -6.04 29.49
CA TYR B 75 -38.45 -5.12 30.62
C TYR B 75 -37.88 -3.77 30.12
N LYS B 76 -38.36 -2.69 30.69
CA LYS B 76 -37.91 -1.36 30.31
C LYS B 76 -36.48 -1.02 30.81
N ASP B 77 -36.08 -1.56 31.97
CA ASP B 77 -34.82 -1.28 32.61
C ASP B 77 -34.41 -2.45 33.48
N VAL B 78 -33.11 -2.63 33.64
CA VAL B 78 -32.54 -3.78 34.38
C VAL B 78 -33.05 -3.90 35.80
N LYS B 79 -33.24 -2.76 36.45
CA LYS B 79 -33.72 -2.75 37.85
C LYS B 79 -35.11 -3.33 37.97
N ASN B 80 -35.90 -3.24 36.91
CA ASN B 80 -37.23 -3.83 36.88
C ASN B 80 -37.30 -5.37 36.79
N VAL B 81 -36.17 -6.06 36.66
CA VAL B 81 -36.19 -7.50 36.49
C VAL B 81 -36.50 -8.16 37.81
N LYS B 82 -37.31 -9.21 37.74
CA LYS B 82 -37.63 -10.00 38.91
C LYS B 82 -37.85 -11.45 38.51
N GLY B 83 -37.75 -12.33 39.49
CA GLY B 83 -38.02 -13.75 39.25
C GLY B 83 -36.81 -14.53 38.79
N GLU B 84 -37.01 -15.81 38.62
CA GLU B 84 -35.93 -16.75 38.42
C GLU B 84 -35.65 -16.91 36.90
N TYR B 85 -34.36 -16.99 36.56
CA TYR B 85 -33.90 -17.26 35.19
C TYR B 85 -32.74 -18.26 35.22
N GLU B 86 -32.89 -19.30 34.44
CA GLU B 86 -31.97 -20.42 34.39
C GLU B 86 -30.74 -19.92 33.60
N THR B 87 -31.02 -19.13 32.56
CA THR B 87 -30.03 -18.73 31.60
C THR B 87 -30.11 -17.26 31.32
N VAL B 88 -28.97 -16.59 31.40
CA VAL B 88 -28.86 -15.19 31.07
C VAL B 88 -27.93 -15.02 29.87
N VAL B 89 -28.42 -14.34 28.85
CA VAL B 89 -27.63 -14.08 27.69
C VAL B 89 -27.25 -12.61 27.69
N MET B 90 -25.94 -12.37 27.73
CA MET B 90 -25.39 -11.02 27.63
C MET B 90 -25.04 -10.60 26.21
N ALA B 91 -25.86 -9.71 25.68
CA ALA B 91 -25.85 -9.32 24.30
C ALA B 91 -25.48 -7.87 24.15
N CYS B 92 -24.91 -7.28 25.22
CA CYS B 92 -24.57 -5.86 25.32
C CYS B 92 -23.05 -5.73 25.27
N THR B 93 -22.54 -4.52 25.49
CA THR B 93 -21.08 -4.28 25.48
C THR B 93 -20.39 -4.92 26.69
N ALA B 94 -19.21 -5.48 26.47
CA ALA B 94 -18.48 -6.13 27.53
C ALA B 94 -18.24 -5.23 28.75
N ASP B 95 -18.07 -3.94 28.53
CA ASP B 95 -17.80 -2.97 29.59
C ASP B 95 -19.02 -2.71 30.52
N ALA B 96 -20.19 -3.25 30.18
CA ALA B 96 -21.42 -3.08 30.99
C ALA B 96 -21.80 -4.38 31.65
N TYR B 97 -20.97 -5.41 31.56
CA TYR B 97 -21.38 -6.73 32.07
C TYR B 97 -21.61 -6.65 33.57
N TYR B 98 -20.61 -6.10 34.23
CA TYR B 98 -20.57 -6.04 35.68
C TYR B 98 -21.64 -5.11 36.23
N ASP B 99 -21.67 -3.90 35.65
CA ASP B 99 -22.56 -2.86 36.06
C ASP B 99 -24.01 -3.27 35.86
N THR B 100 -24.26 -4.06 34.82
CA THR B 100 -25.58 -4.58 34.57
C THR B 100 -25.98 -5.66 35.55
N LEU B 101 -25.09 -6.61 35.83
CA LEU B 101 -25.45 -7.77 36.63
C LEU B 101 -25.72 -7.41 38.08
N GLN B 102 -24.96 -6.43 38.55
CA GLN B 102 -24.95 -6.03 39.92
C GLN B 102 -26.26 -5.23 40.27
N GLN B 103 -27.02 -4.80 39.25
CA GLN B 103 -28.36 -4.24 39.41
C GLN B 103 -29.50 -5.29 39.42
N LEU B 104 -29.19 -6.56 39.20
CA LEU B 104 -30.23 -7.57 39.28
C LEU B 104 -30.48 -7.82 40.76
N SER B 105 -31.62 -8.41 41.05
CA SER B 105 -31.98 -8.77 42.39
C SER B 105 -31.21 -10.00 42.84
N LEU B 106 -30.96 -10.07 44.13
CA LEU B 106 -30.44 -11.28 44.81
C LEU B 106 -31.15 -12.57 44.41
N GLU B 107 -32.49 -12.57 44.36
CA GLU B 107 -33.25 -13.77 43.95
C GLU B 107 -32.94 -14.22 42.50
N THR B 108 -33.10 -13.30 41.55
CA THR B 108 -32.71 -13.51 40.15
C THR B 108 -31.30 -14.09 40.07
N LEU B 109 -30.35 -13.39 40.68
CA LEU B 109 -28.93 -13.78 40.68
C LEU B 109 -28.67 -15.19 41.22
N GLN B 110 -29.44 -15.58 42.22
CA GLN B 110 -29.25 -16.89 42.90
C GLN B 110 -29.81 -18.02 42.06
N SER B 111 -30.79 -17.71 41.22
CA SER B 111 -31.39 -18.68 40.31
C SER B 111 -30.53 -19.05 39.08
N VAL B 112 -29.62 -18.15 38.64
CA VAL B 112 -28.89 -18.31 37.34
C VAL B 112 -27.92 -19.50 37.37
N LYS B 113 -28.04 -20.35 36.34
CA LYS B 113 -27.17 -21.52 36.16
C LYS B 113 -26.11 -21.32 35.04
N HIS B 114 -26.45 -20.48 34.05
CA HIS B 114 -25.61 -20.26 32.91
C HIS B 114 -25.66 -18.77 32.50
N VAL B 115 -24.50 -18.13 32.42
CA VAL B 115 -24.39 -16.85 31.72
C VAL B 115 -23.56 -17.01 30.44
N ILE B 116 -24.12 -16.47 29.36
CA ILE B 116 -23.60 -16.63 28.03
C ILE B 116 -23.23 -15.26 27.47
N LEU B 117 -21.92 -15.11 27.22
CA LEU B 117 -21.34 -13.84 26.79
C LEU B 117 -21.14 -13.86 25.28
N ILE B 118 -21.82 -12.97 24.62
CA ILE B 118 -21.86 -12.93 23.18
C ILE B 118 -20.64 -12.23 22.63
N SER B 119 -20.39 -11.00 23.08
CA SER B 119 -19.26 -10.20 22.61
C SER B 119 -18.32 -9.88 23.74
N PRO B 120 -17.78 -10.89 24.41
CA PRO B 120 -16.87 -10.59 25.53
C PRO B 120 -15.51 -10.10 25.04
N THR B 121 -14.76 -9.46 25.94
CA THR B 121 -13.40 -9.09 25.70
C THR B 121 -12.58 -10.11 26.48
N PHE B 122 -11.27 -9.88 26.52
CA PHE B 122 -10.30 -10.76 27.14
C PHE B 122 -10.36 -10.51 28.63
N GLY B 123 -10.75 -11.51 29.38
CA GLY B 123 -11.02 -11.36 30.80
C GLY B 123 -12.49 -11.31 31.22
N SER B 124 -13.43 -11.04 30.28
CA SER B 124 -14.85 -10.94 30.60
C SER B 124 -15.35 -12.11 31.49
N GLN B 125 -15.12 -13.32 31.04
CA GLN B 125 -15.55 -14.48 31.79
C GLN B 125 -15.03 -14.49 33.24
N MET B 126 -13.78 -14.14 33.47
CA MET B 126 -13.22 -14.07 34.83
C MET B 126 -13.99 -13.04 35.69
N ILE B 127 -14.28 -11.87 35.11
CA ILE B 127 -15.13 -10.86 35.75
C ILE B 127 -16.51 -11.41 36.12
N VAL B 128 -17.18 -12.05 35.17
CA VAL B 128 -18.53 -12.51 35.35
C VAL B 128 -18.60 -13.74 36.24
N GLU B 129 -17.74 -14.74 36.03
CA GLU B 129 -17.67 -15.88 36.94
C GLU B 129 -17.33 -15.41 38.36
N GLN B 130 -16.46 -14.43 38.55
CA GLN B 130 -16.15 -14.01 39.92
C GLN B 130 -17.31 -13.25 40.59
N PHE B 131 -18.01 -12.43 39.82
CA PHE B 131 -19.21 -11.79 40.34
C PHE B 131 -20.26 -12.84 40.66
N MET B 132 -20.67 -13.62 39.67
CA MET B 132 -21.74 -14.59 39.86
C MET B 132 -21.46 -15.67 40.92
N SER B 133 -20.18 -15.94 41.18
CA SER B 133 -19.75 -16.83 42.29
C SER B 133 -20.42 -16.67 43.66
N LYS B 134 -20.55 -15.41 44.12
CA LYS B 134 -21.18 -15.05 45.39
C LYS B 134 -22.53 -15.69 45.53
N PHE B 135 -23.26 -15.88 44.42
CA PHE B 135 -24.69 -16.23 44.42
C PHE B 135 -25.12 -17.63 43.97
N SER B 136 -24.21 -18.37 43.32
CA SER B 136 -24.34 -19.77 42.89
C SER B 136 -22.93 -20.36 42.93
N GLN B 137 -22.68 -21.35 43.79
CA GLN B 137 -21.32 -21.89 43.91
C GLN B 137 -20.85 -22.63 42.65
N ASP B 138 -21.71 -22.77 41.63
CA ASP B 138 -21.31 -23.52 40.43
C ASP B 138 -21.91 -22.92 39.16
N ILE B 139 -21.89 -21.60 39.10
CA ILE B 139 -22.27 -20.93 37.87
C ILE B 139 -21.45 -21.47 36.65
N GLU B 140 -22.12 -21.66 35.52
CA GLU B 140 -21.40 -21.90 34.26
C GLU B 140 -21.38 -20.57 33.47
N VAL B 141 -20.19 -20.16 33.06
CA VAL B 141 -20.01 -19.04 32.12
C VAL B 141 -19.46 -19.56 30.80
N ILE B 142 -20.04 -19.08 29.71
CA ILE B 142 -19.65 -19.40 28.35
C ILE B 142 -19.31 -18.13 27.56
N SER B 143 -18.15 -18.14 26.88
CA SER B 143 -17.74 -17.05 26.02
C SER B 143 -17.71 -17.51 24.60
N PHE B 144 -18.35 -16.73 23.73
CA PHE B 144 -18.05 -16.76 22.32
C PHE B 144 -16.88 -15.79 21.99
N SER B 145 -16.18 -16.08 20.91
CA SER B 145 -15.16 -15.17 20.37
C SER B 145 -15.74 -13.85 19.88
N THR B 146 -16.80 -13.92 19.10
CA THR B 146 -17.58 -12.72 18.71
C THR B 146 -19.05 -13.09 18.45
N TYR B 147 -19.90 -12.06 18.32
CA TYR B 147 -21.24 -12.21 17.72
C TYR B 147 -21.10 -12.91 16.37
N LEU B 148 -22.13 -13.68 16.00
CA LEU B 148 -22.14 -14.59 14.86
C LEU B 148 -22.18 -13.90 13.49
N GLY B 149 -22.33 -12.59 13.43
CA GLY B 149 -22.50 -11.95 12.16
C GLY B 149 -22.53 -10.43 12.21
N ASP B 150 -23.29 -9.85 11.28
CA ASP B 150 -23.46 -8.40 11.17
C ASP B 150 -24.97 -8.18 11.11
N THR B 151 -25.51 -7.44 12.08
CA THR B 151 -26.95 -7.16 12.14
C THR B 151 -27.15 -5.66 12.41
N ARG B 152 -28.02 -5.01 11.65
CA ARG B 152 -28.15 -3.57 11.76
C ARG B 152 -29.63 -3.20 11.78
N ILE B 153 -29.91 -1.94 12.05
CA ILE B 153 -31.26 -1.41 11.97
C ILE B 153 -31.34 -0.55 10.72
N VAL B 154 -32.23 -0.85 9.77
CA VAL B 154 -32.32 0.01 8.54
C VAL B 154 -33.07 1.32 8.77
N ASP B 155 -34.11 1.30 9.59
CA ASP B 155 -34.84 2.53 9.97
C ASP B 155 -34.65 2.73 11.47
N LYS B 156 -34.02 3.85 11.88
CA LYS B 156 -33.92 4.21 13.29
C LYS B 156 -35.30 4.38 13.90
N GLU B 157 -36.26 4.71 13.02
CA GLU B 157 -37.67 4.88 13.37
C GLU B 157 -38.39 3.53 13.65
N ALA B 158 -37.81 2.40 13.22
CA ALA B 158 -38.40 1.09 13.44
C ALA B 158 -37.33 0.09 13.94
N PRO B 159 -36.78 0.34 15.13
CA PRO B 159 -35.65 -0.48 15.61
C PRO B 159 -35.94 -1.91 16.05
N ASN B 160 -37.22 -2.33 16.05
CA ASN B 160 -37.63 -3.72 16.32
C ASN B 160 -37.44 -4.57 15.07
N HIS B 161 -37.23 -3.90 13.94
CA HIS B 161 -36.95 -4.53 12.66
C HIS B 161 -35.44 -4.36 12.36
N VAL B 162 -34.80 -5.51 12.20
CA VAL B 162 -33.36 -5.59 12.05
C VAL B 162 -33.05 -6.45 10.85
N LEU B 163 -31.86 -6.21 10.29
CA LEU B 163 -31.38 -6.83 9.06
C LEU B 163 -30.01 -7.42 9.32
N THR B 164 -29.94 -8.73 9.23
CA THR B 164 -28.69 -9.46 9.33
C THR B 164 -28.04 -9.64 7.97
N THR B 165 -26.98 -8.87 7.72
CA THR B 165 -26.32 -8.74 6.40
C THR B 165 -25.25 -9.81 6.12
N GLY B 166 -24.86 -10.58 7.13
CA GLY B 166 -23.69 -11.39 6.97
C GLY B 166 -23.44 -12.22 8.20
N VAL B 167 -22.79 -13.36 8.00
CA VAL B 167 -22.59 -14.32 9.04
C VAL B 167 -21.11 -14.78 8.99
N LYS B 168 -20.49 -14.94 10.15
CA LYS B 168 -19.08 -15.29 10.20
C LYS B 168 -18.80 -16.69 9.68
N LYS B 169 -17.61 -16.83 9.09
CA LYS B 169 -17.14 -18.12 8.57
C LYS B 169 -17.08 -19.17 9.67
N LYS B 170 -16.56 -18.75 10.82
CA LYS B 170 -16.24 -19.62 11.93
C LYS B 170 -16.32 -18.84 13.28
N LEU B 171 -16.93 -19.42 14.31
CA LEU B 171 -16.89 -18.87 15.67
C LEU B 171 -16.20 -19.83 16.59
N TYR B 172 -15.82 -19.33 17.74
CA TYR B 172 -15.24 -20.14 18.80
C TYR B 172 -16.06 -19.96 20.07
N MET B 173 -15.98 -20.96 20.94
CA MET B 173 -16.75 -20.97 22.16
C MET B 173 -16.05 -21.81 23.22
N GLY B 174 -16.11 -21.35 24.46
CA GLY B 174 -15.53 -22.05 25.59
C GLY B 174 -16.36 -21.87 26.84
N SER B 175 -16.36 -22.91 27.67
CA SER B 175 -17.14 -22.89 28.87
C SER B 175 -16.26 -23.16 30.04
N THR B 176 -16.68 -22.62 31.19
CA THR B 176 -16.10 -22.95 32.50
C THR B 176 -16.29 -24.45 32.87
N HIS B 177 -17.19 -25.13 32.17
CA HIS B 177 -17.49 -26.55 32.35
C HIS B 177 -17.30 -27.37 31.05
N SER B 178 -16.21 -28.16 31.01
CA SER B 178 -15.91 -29.20 29.96
C SER B 178 -17.12 -29.95 29.40
N ASN B 179 -17.35 -29.96 28.08
CA ASN B 179 -18.38 -30.84 27.48
C ASN B 179 -19.79 -30.75 28.06
N SER B 180 -20.12 -29.61 28.70
CA SER B 180 -21.38 -29.48 29.45
C SER B 180 -22.56 -29.69 28.52
N THR B 181 -23.71 -29.97 29.09
CA THR B 181 -24.94 -30.16 28.31
C THR B 181 -25.25 -28.94 27.44
N MET B 182 -25.08 -27.76 28.07
CA MET B 182 -25.27 -26.45 27.45
C MET B 182 -24.30 -26.23 26.27
N CYS B 183 -23.01 -26.55 26.42
CA CYS B 183 -22.08 -26.55 25.24
C CYS B 183 -22.58 -27.38 24.07
N GLN B 184 -23.08 -28.59 24.36
CA GLN B 184 -23.56 -29.52 23.29
C GLN B 184 -24.82 -28.99 22.58
N ARG B 185 -25.68 -28.36 23.38
CA ARG B 185 -26.91 -27.79 22.87
C ARG B 185 -26.53 -26.65 21.91
N ILE B 186 -25.52 -25.86 22.31
CA ILE B 186 -25.07 -24.73 21.49
C ILE B 186 -24.46 -25.27 20.18
N SER B 187 -23.60 -26.31 20.32
CA SER B 187 -22.96 -26.97 19.15
C SER B 187 -24.00 -27.51 18.18
N ALA B 188 -24.98 -28.25 18.69
CA ALA B 188 -26.08 -28.76 17.85
C ALA B 188 -26.87 -27.59 17.28
N LEU B 189 -27.07 -26.53 18.08
CA LEU B 189 -27.68 -25.32 17.56
C LEU B 189 -26.91 -24.72 16.37
N ALA B 190 -25.57 -24.63 16.52
CA ALA B 190 -24.67 -24.06 15.47
C ALA B 190 -24.74 -24.89 14.16
N GLU B 191 -24.63 -26.19 14.36
CA GLU B 191 -24.84 -27.22 13.33
C GLU B 191 -26.13 -26.90 12.58
N GLN B 192 -27.24 -26.69 13.29
CA GLN B 192 -28.54 -26.36 12.66
C GLN B 192 -28.55 -25.02 11.94
N LEU B 193 -27.79 -24.03 12.46
CA LEU B 193 -27.76 -22.71 11.80
C LEU B 193 -26.82 -22.67 10.58
N LYS B 194 -26.09 -23.78 10.37
CA LYS B 194 -25.02 -23.90 9.39
C LYS B 194 -23.93 -22.88 9.65
N ILE B 195 -23.49 -22.82 10.90
CA ILE B 195 -22.41 -21.93 11.34
C ILE B 195 -21.38 -22.81 11.98
N GLN B 196 -20.14 -22.68 11.51
CA GLN B 196 -19.07 -23.50 12.01
C GLN B 196 -18.71 -23.02 13.40
N LEU B 197 -18.61 -23.93 14.36
CA LEU B 197 -18.27 -23.49 15.68
C LEU B 197 -17.22 -24.42 16.19
N GLU B 198 -16.10 -23.86 16.63
CA GLU B 198 -15.06 -24.65 17.28
C GLU B 198 -15.17 -24.49 18.78
N VAL B 199 -15.20 -25.62 19.50
CA VAL B 199 -15.26 -25.64 20.93
C VAL B 199 -13.85 -25.71 21.42
N VAL B 200 -13.48 -24.80 22.31
CA VAL B 200 -12.10 -24.65 22.80
C VAL B 200 -12.09 -24.92 24.30
N GLU B 201 -10.92 -25.16 24.87
CA GLU B 201 -10.75 -25.55 26.27
C GLU B 201 -11.26 -24.54 27.32
N SER B 202 -11.40 -23.27 26.97
CA SER B 202 -11.83 -22.29 27.99
C SER B 202 -12.44 -21.05 27.34
N PRO B 203 -13.23 -20.30 28.11
CA PRO B 203 -13.79 -19.06 27.63
C PRO B 203 -12.71 -18.01 27.31
N LEU B 204 -11.63 -18.03 28.08
CA LEU B 204 -10.54 -17.12 27.87
C LEU B 204 -9.93 -17.34 26.50
N HIS B 205 -9.77 -18.61 26.13
CA HIS B 205 -9.30 -19.05 24.82
C HIS B 205 -10.23 -18.51 23.74
N ALA B 206 -11.52 -18.61 23.99
CA ALA B 206 -12.50 -18.08 23.07
C ALA B 206 -12.37 -16.58 22.84
N GLU B 207 -12.16 -15.86 23.94
CA GLU B 207 -12.07 -14.38 23.97
C GLU B 207 -10.83 -13.86 23.18
N THR B 208 -9.79 -14.70 23.07
CA THR B 208 -8.59 -14.40 22.31
C THR B 208 -8.79 -14.53 20.78
N ARG B 209 -9.77 -15.31 20.34
CA ARG B 209 -9.98 -15.53 18.89
C ARG B 209 -10.83 -14.46 18.28
N ASN B 210 -10.43 -13.23 18.52
CA ASN B 210 -11.16 -12.06 18.05
C ASN B 210 -10.08 -11.09 17.51
N SER B 211 -10.07 -10.90 16.20
CA SER B 211 -9.07 -10.08 15.58
C SER B 211 -9.07 -8.61 16.02
N SER B 212 -10.25 -8.08 16.37
CA SER B 212 -10.42 -6.71 16.90
C SER B 212 -9.62 -6.42 18.18
N LEU B 213 -9.42 -7.42 19.00
CA LEU B 213 -8.64 -7.31 20.21
C LEU B 213 -7.21 -6.79 19.91
N TYR B 214 -6.61 -7.30 18.82
CA TYR B 214 -5.20 -7.02 18.42
C TYR B 214 -5.07 -5.74 17.54
N VAL B 215 -6.11 -5.48 16.76
CA VAL B 215 -6.11 -4.52 15.66
C VAL B 215 -6.68 -3.17 16.06
N HIS B 216 -7.79 -3.20 16.77
CA HIS B 216 -8.49 -1.95 17.08
C HIS B 216 -7.69 -0.99 17.94
N PRO B 217 -6.96 -1.50 18.95
CA PRO B 217 -6.18 -0.58 19.78
C PRO B 217 -5.12 0.24 19.01
N PRO B 218 -4.20 -0.41 18.24
CA PRO B 218 -3.32 0.41 17.35
C PRO B 218 -4.05 1.24 16.29
N LEU B 219 -5.17 0.77 15.76
CA LEU B 219 -5.89 1.54 14.72
C LEU B 219 -6.54 2.81 15.23
N PHE B 220 -7.09 2.75 16.44
CA PHE B 220 -7.80 3.90 17.02
C PHE B 220 -7.06 4.62 18.14
N MET B 221 -6.06 4.00 18.78
CA MET B 221 -5.42 4.66 19.91
C MET B 221 -4.02 5.23 19.55
N ASN B 222 -4.03 6.12 18.55
CA ASN B 222 -2.86 6.79 18.06
C ASN B 222 -3.26 8.25 17.80
N ASP B 223 -2.26 9.12 17.66
CA ASP B 223 -2.49 10.55 17.53
C ASP B 223 -3.38 10.88 16.33
N PHE B 224 -3.21 10.17 15.21
CA PHE B 224 -3.93 10.51 13.98
C PHE B 224 -5.40 10.24 14.21
N SER B 225 -5.67 9.03 14.70
CA SER B 225 -7.04 8.56 14.94
C SER B 225 -7.74 9.34 16.10
N LEU B 226 -7.05 9.49 17.23
CA LEU B 226 -7.65 10.24 18.34
C LEU B 226 -7.98 11.69 17.95
N LYS B 227 -7.17 12.32 17.11
CA LYS B 227 -7.51 13.62 16.57
C LYS B 227 -8.80 13.56 15.78
N ALA B 228 -8.92 12.59 14.88
CA ALA B 228 -10.05 12.56 13.98
C ALA B 228 -11.38 12.34 14.75
N ILE B 229 -11.32 11.55 15.83
CA ILE B 229 -12.42 11.23 16.72
C ILE B 229 -12.86 12.46 17.57
N PHE B 230 -11.92 13.00 18.35
CA PHE B 230 -12.19 14.00 19.36
C PHE B 230 -12.21 15.44 18.90
N GLU B 231 -11.58 15.73 17.78
CA GLU B 231 -11.43 17.12 17.31
C GLU B 231 -11.92 17.31 15.91
N GLY B 232 -11.75 16.32 15.03
CA GLY B 232 -12.17 16.47 13.62
C GLY B 232 -11.01 16.82 12.70
N THR B 233 -11.26 16.76 11.38
CA THR B 233 -10.23 16.94 10.36
C THR B 233 -10.66 17.97 9.32
N ASP B 234 -9.70 18.53 8.60
CA ASP B 234 -10.04 19.52 7.54
C ASP B 234 -10.84 18.89 6.43
N VAL B 235 -10.41 17.71 5.98
CA VAL B 235 -11.15 16.88 4.99
C VAL B 235 -11.32 15.50 5.62
N PRO B 236 -12.32 14.74 5.15
CA PRO B 236 -12.53 13.44 5.77
C PRO B 236 -11.27 12.51 5.66
N VAL B 237 -11.08 11.71 6.71
CA VAL B 237 -10.08 10.69 6.71
C VAL B 237 -10.70 9.33 7.02
N TYR B 238 -9.94 8.26 6.82
CA TYR B 238 -10.55 6.92 6.78
C TYR B 238 -9.73 5.93 7.62
N VAL B 239 -10.41 5.07 8.34
CA VAL B 239 -9.83 4.18 9.32
C VAL B 239 -8.77 3.24 8.72
N TYR B 240 -9.02 2.78 7.49
CA TYR B 240 -8.21 1.73 6.89
C TYR B 240 -7.30 2.20 5.77
N LYS B 241 -7.24 3.51 5.54
CA LYS B 241 -6.39 4.06 4.51
C LYS B 241 -4.98 4.39 5.04
N LEU B 242 -4.07 4.57 4.09
CA LEU B 242 -2.66 4.85 4.37
C LEU B 242 -2.50 6.36 4.58
N PHE B 243 -1.60 6.76 5.47
CA PHE B 243 -1.33 8.14 5.70
C PHE B 243 -0.95 8.81 4.38
N PRO B 244 -1.46 10.03 4.11
CA PRO B 244 -2.29 10.90 5.00
C PRO B 244 -3.82 10.74 4.95
N GLU B 245 -4.32 9.81 4.14
CA GLU B 245 -5.74 9.56 4.03
C GLU B 245 -6.27 8.78 5.23
N GLY B 246 -5.39 8.10 5.93
CA GLY B 246 -5.79 7.32 7.11
C GLY B 246 -4.55 7.21 7.96
N PRO B 247 -4.63 6.53 9.12
CA PRO B 247 -3.52 6.33 10.04
C PRO B 247 -2.52 5.24 9.68
N ILE B 248 -2.78 4.43 8.66
CA ILE B 248 -1.94 3.27 8.48
C ILE B 248 -0.55 3.62 7.99
N THR B 249 0.43 3.07 8.71
CA THR B 249 1.77 3.58 8.66
C THR B 249 2.64 2.43 9.19
N MET B 250 3.93 2.44 8.87
CA MET B 250 4.86 1.45 9.44
C MET B 250 4.82 1.51 10.97
N THR B 251 4.82 2.71 11.51
CA THR B 251 4.71 2.93 12.95
C THR B 251 3.46 2.23 13.50
N LEU B 252 2.33 2.44 12.82
CA LEU B 252 1.08 1.85 13.23
C LEU B 252 1.22 0.33 13.26
N ILE B 253 1.77 -0.21 12.17
CA ILE B 253 1.91 -1.69 12.05
C ILE B 253 2.87 -2.23 13.10
N ARG B 254 3.88 -1.44 13.47
CA ARG B 254 4.77 -1.90 14.52
C ARG B 254 4.04 -1.91 15.86
N GLU B 255 3.28 -0.89 16.14
CA GLU B 255 2.54 -0.87 17.39
C GLU B 255 1.58 -2.11 17.43
N MET B 256 0.90 -2.40 16.32
CA MET B 256 0.11 -3.64 16.24
C MET B 256 0.93 -4.91 16.52
N ARG B 257 2.12 -5.02 15.93
CA ARG B 257 2.94 -6.22 16.23
C ARG B 257 3.25 -6.22 17.72
N LEU B 258 3.62 -5.08 18.27
CA LEU B 258 3.99 -5.01 19.66
C LEU B 258 2.86 -5.34 20.63
N MET B 259 1.64 -4.92 20.28
CA MET B 259 0.49 -5.28 21.08
C MET B 259 0.15 -6.75 20.99
N TRP B 260 0.17 -7.26 19.77
CA TRP B 260 -0.02 -8.67 19.57
C TRP B 260 1.01 -9.50 20.36
N LYS B 261 2.31 -9.13 20.36
CA LYS B 261 3.28 -9.87 21.17
C LYS B 261 3.07 -9.77 22.67
N GLU B 262 2.68 -8.58 23.13
CA GLU B 262 2.34 -8.36 24.53
C GLU B 262 1.23 -9.35 24.93
N MET B 263 0.17 -9.43 24.13
CA MET B 263 -0.88 -10.39 24.35
C MET B 263 -0.43 -11.85 24.34
N MET B 264 0.51 -12.22 23.45
CA MET B 264 0.94 -13.61 23.40
C MET B 264 1.76 -14.02 24.60
N ALA B 265 2.44 -13.05 25.23
CA ALA B 265 3.11 -13.30 26.52
C ALA B 265 2.03 -13.64 27.59
N ILE B 266 0.96 -12.85 27.60
CA ILE B 266 -0.16 -13.12 28.49
C ILE B 266 -0.84 -14.47 28.20
N LEU B 267 -1.06 -14.81 26.93
CA LEU B 267 -1.61 -16.13 26.62
C LEU B 267 -0.73 -17.28 27.05
N GLN B 268 0.57 -17.11 27.04
CA GLN B 268 1.46 -18.19 27.47
C GLN B 268 1.35 -18.41 28.98
N ALA B 269 1.26 -17.32 29.75
CA ALA B 269 1.07 -17.39 31.19
C ALA B 269 -0.23 -18.16 31.57
N PHE B 270 -1.31 -17.97 30.83
CA PHE B 270 -2.53 -18.80 30.96
C PHE B 270 -2.48 -20.13 30.16
N ARG B 271 -1.35 -20.54 29.62
CA ARG B 271 -1.27 -21.75 28.77
C ARG B 271 -2.35 -21.82 27.70
N VAL B 272 -2.70 -20.69 27.11
CA VAL B 272 -3.61 -20.61 25.97
C VAL B 272 -2.75 -20.51 24.68
N PRO B 273 -3.03 -21.34 23.66
CA PRO B 273 -2.23 -21.27 22.42
C PRO B 273 -2.30 -19.93 21.74
N SER B 274 -1.18 -19.59 21.10
CA SER B 274 -0.99 -18.28 20.47
C SER B 274 -1.88 -18.15 19.26
N VAL B 275 -2.08 -16.91 18.83
CA VAL B 275 -2.86 -16.65 17.60
C VAL B 275 -1.95 -16.22 16.48
N ASN B 276 -2.15 -16.84 15.31
CA ASN B 276 -1.44 -16.46 14.13
C ASN B 276 -2.27 -15.34 13.51
N LEU B 277 -1.93 -14.11 13.85
CA LEU B 277 -2.76 -12.97 13.52
C LEU B 277 -2.96 -12.80 12.03
N LEU B 278 -1.87 -13.01 11.26
CA LEU B 278 -1.93 -12.89 9.80
C LEU B 278 -2.84 -13.94 9.15
N GLN B 279 -2.70 -15.19 9.59
CA GLN B 279 -3.53 -16.29 9.08
C GLN B 279 -4.96 -16.03 9.42
N PHE B 280 -5.18 -15.70 10.68
CA PHE B 280 -6.49 -15.29 11.18
C PHE B 280 -7.14 -14.25 10.33
N MET B 281 -6.39 -13.20 10.06
CA MET B 281 -6.88 -12.12 9.26
C MET B 281 -7.28 -12.57 7.87
N VAL B 282 -6.42 -13.39 7.28
CA VAL B 282 -6.42 -13.67 5.85
C VAL B 282 -7.35 -14.85 5.51
N LYS B 283 -7.38 -15.84 6.39
CA LYS B 283 -8.16 -17.05 6.21
C LYS B 283 -9.50 -17.02 6.89
N GLU B 284 -9.68 -16.19 7.92
CA GLU B 284 -10.95 -16.08 8.65
C GLU B 284 -11.67 -14.76 8.55
N ASN B 285 -10.99 -13.65 8.25
CA ASN B 285 -11.65 -12.35 8.19
C ASN B 285 -11.95 -11.93 6.75
N TYR B 286 -10.95 -11.61 5.94
CA TYR B 286 -11.14 -11.26 4.52
C TYR B 286 -9.96 -11.76 3.70
N PRO B 287 -10.27 -12.48 2.62
CA PRO B 287 -9.18 -13.10 1.91
C PRO B 287 -8.37 -12.06 1.10
N VAL B 288 -7.20 -12.49 0.68
CA VAL B 288 -6.43 -11.74 -0.30
C VAL B 288 -6.24 -12.62 -1.52
N ARG B 289 -5.77 -12.03 -2.62
CA ARG B 289 -5.43 -12.80 -3.83
C ARG B 289 -4.17 -13.59 -3.54
N PRO B 290 -4.04 -14.81 -4.13
CA PRO B 290 -2.86 -15.69 -3.98
C PRO B 290 -1.49 -15.01 -4.29
N GLU B 291 -1.48 -14.08 -5.24
CA GLU B 291 -0.31 -13.29 -5.66
C GLU B 291 0.23 -12.33 -4.57
N THR B 292 -0.59 -11.98 -3.58
CA THR B 292 -0.32 -10.88 -2.65
C THR B 292 0.50 -11.32 -1.50
N LEU B 293 0.24 -12.53 -1.00
CA LEU B 293 0.96 -13.10 0.14
C LEU B 293 1.30 -14.56 -0.11
N ASP B 294 2.51 -14.96 0.23
CA ASP B 294 2.92 -16.35 0.12
C ASP B 294 2.22 -17.21 1.20
N GLU B 295 1.66 -18.36 0.82
CA GLU B 295 1.07 -19.33 1.80
C GLU B 295 2.04 -19.72 2.89
N GLY B 296 3.29 -19.89 2.51
CA GLY B 296 4.31 -20.21 3.48
C GLY B 296 4.47 -19.11 4.49
N ASP B 297 4.46 -17.88 4.05
CA ASP B 297 4.67 -16.79 5.00
C ASP B 297 3.50 -16.68 5.99
N ILE B 298 2.30 -16.92 5.46
CA ILE B 298 1.08 -16.89 6.25
C ILE B 298 1.14 -18.00 7.34
N GLU B 299 1.39 -19.22 6.89
CA GLU B 299 1.46 -20.40 7.76
C GLU B 299 2.44 -20.21 8.86
N HIS B 300 3.68 -19.83 8.53
CA HIS B 300 4.78 -19.73 9.49
C HIS B 300 4.99 -18.37 10.16
N PHE B 301 4.05 -17.44 9.93
CA PHE B 301 4.02 -16.06 10.48
C PHE B 301 4.58 -15.86 11.87
N GLU B 302 4.19 -16.76 12.78
CA GLU B 302 4.55 -16.58 14.19
C GLU B 302 6.04 -16.77 14.50
N ILE B 303 6.78 -17.46 13.65
CA ILE B 303 8.21 -17.70 13.91
C ILE B 303 9.12 -16.89 12.99
N LEU B 304 8.52 -16.04 12.13
CA LEU B 304 9.27 -15.18 11.18
C LEU B 304 9.80 -13.97 11.88
N PRO B 305 10.87 -13.39 11.32
CA PRO B 305 11.45 -12.20 11.93
C PRO B 305 10.43 -11.08 12.11
N ASP B 306 10.67 -10.29 13.14
CA ASP B 306 9.81 -9.16 13.51
C ASP B 306 9.50 -8.25 12.33
N ILE B 307 10.54 -7.88 11.61
CA ILE B 307 10.43 -6.94 10.51
C ILE B 307 9.57 -7.58 9.42
N LEU B 308 9.71 -8.88 9.17
CA LEU B 308 8.91 -9.53 8.15
C LEU B 308 7.47 -9.69 8.59
N GLN B 309 7.23 -10.03 9.84
CA GLN B 309 5.86 -9.98 10.40
C GLN B 309 5.19 -8.62 10.15
N GLU B 310 5.94 -7.55 10.39
CA GLU B 310 5.41 -6.19 10.12
C GLU B 310 5.14 -5.95 8.64
N TYR B 311 6.06 -6.39 7.79
CA TYR B 311 5.93 -6.21 6.34
C TYR B 311 4.65 -6.91 5.82
N LEU B 312 4.45 -8.13 6.30
CA LEU B 312 3.28 -8.87 5.96
C LEU B 312 1.99 -8.20 6.41
N LEU B 313 1.97 -7.61 7.61
CA LEU B 313 0.74 -7.02 8.12
C LEU B 313 0.43 -5.81 7.29
N TYR B 314 1.48 -5.02 7.02
CA TYR B 314 1.34 -3.83 6.18
C TYR B 314 0.78 -4.19 4.80
N VAL B 315 1.33 -5.23 4.20
CA VAL B 315 0.91 -5.66 2.88
C VAL B 315 -0.59 -6.07 2.93
N ARG B 316 -0.93 -6.87 3.94
CA ARG B 316 -2.31 -7.27 4.21
C ARG B 316 -3.24 -6.06 4.15
N TYR B 317 -2.96 -5.01 4.92
CA TYR B 317 -3.78 -3.81 4.86
C TYR B 317 -3.77 -3.10 3.56
N THR B 318 -2.68 -3.13 2.81
CA THR B 318 -2.70 -2.49 1.46
C THR B 318 -3.59 -3.28 0.47
N ALA B 319 -3.72 -4.59 0.64
CA ALA B 319 -4.38 -5.45 -0.35
C ALA B 319 -5.90 -5.28 -0.30
N ILE B 320 -6.33 -4.73 0.80
CA ILE B 320 -7.67 -4.59 1.24
C ILE B 320 -8.07 -3.10 1.10
N LEU B 321 -7.18 -2.24 0.59
CA LEU B 321 -7.53 -0.86 0.32
C LEU B 321 -8.75 -0.84 -0.60
N ILE B 322 -8.75 -1.76 -1.58
CA ILE B 322 -9.94 -2.12 -2.34
C ILE B 322 -10.39 -3.51 -1.95
N ASP B 323 -11.56 -3.92 -2.46
CA ASP B 323 -11.98 -5.33 -2.45
C ASP B 323 -11.44 -5.96 -3.74
N PRO B 324 -10.36 -6.77 -3.64
CA PRO B 324 -9.77 -7.37 -4.84
C PRO B 324 -10.66 -8.47 -5.51
N PHE B 325 -11.70 -8.89 -4.79
CA PHE B 325 -12.62 -9.91 -5.26
C PHE B 325 -13.89 -9.29 -5.81
N SER B 326 -14.01 -7.98 -5.82
CA SER B 326 -15.18 -7.35 -6.41
C SER B 326 -15.00 -7.16 -7.92
N GLN B 327 -16.12 -6.84 -8.57
CA GLN B 327 -16.12 -6.62 -10.00
C GLN B 327 -15.51 -5.27 -10.32
N PRO B 328 -14.42 -5.25 -11.08
CA PRO B 328 -13.92 -3.93 -11.49
C PRO B 328 -14.77 -3.29 -12.58
N ASP B 329 -14.80 -1.96 -12.59
CA ASP B 329 -15.54 -1.14 -13.57
C ASP B 329 -14.75 -0.96 -14.87
N GLU B 330 -15.34 -0.34 -15.87
CA GLU B 330 -14.70 -0.23 -17.19
C GLU B 330 -13.34 0.54 -17.21
N ASN B 331 -13.07 1.30 -16.14
CA ASN B 331 -11.75 1.96 -15.89
C ASN B 331 -10.77 1.14 -15.02
N GLY B 332 -11.17 -0.09 -14.68
CA GLY B 332 -10.43 -0.97 -13.80
C GLY B 332 -10.33 -0.60 -12.34
N HIS B 333 -11.34 0.13 -11.85
CA HIS B 333 -11.44 0.46 -10.45
C HIS B 333 -12.35 -0.50 -9.71
N TYR B 334 -11.94 -0.81 -8.49
CA TYR B 334 -12.60 -1.79 -7.68
C TYR B 334 -13.32 -1.03 -6.56
N PHE B 335 -14.13 -1.75 -5.80
CA PHE B 335 -14.94 -1.14 -4.74
C PHE B 335 -13.98 -0.66 -3.64
N ASP B 336 -14.08 0.63 -3.34
CA ASP B 336 -13.32 1.32 -2.29
C ASP B 336 -13.76 0.84 -0.93
N PHE B 337 -13.19 -0.28 -0.54
CA PHE B 337 -13.45 -1.01 0.70
C PHE B 337 -12.88 -0.36 1.96
N SER B 338 -11.92 0.52 1.74
CA SER B 338 -11.14 1.22 2.76
C SER B 338 -11.85 2.44 3.36
N ALA B 339 -12.73 3.05 2.59
CA ALA B 339 -13.33 4.34 2.91
C ALA B 339 -14.42 4.22 4.03
N VAL B 340 -14.00 3.72 5.20
CA VAL B 340 -14.81 3.66 6.37
C VAL B 340 -14.46 4.93 7.16
N PRO B 341 -15.43 5.86 7.29
CA PRO B 341 -15.13 7.08 8.08
C PRO B 341 -14.97 6.80 9.58
N PHE B 342 -14.26 7.67 10.26
CA PHE B 342 -14.27 7.63 11.74
C PHE B 342 -15.58 8.22 12.33
N LYS B 343 -16.22 7.51 13.23
CA LYS B 343 -17.23 8.14 14.10
C LYS B 343 -16.58 9.16 15.05
N GLN B 344 -17.09 10.40 15.05
CA GLN B 344 -16.63 11.43 15.98
C GLN B 344 -17.45 11.48 17.25
N VAL B 345 -16.93 12.20 18.23
CA VAL B 345 -17.65 12.42 19.50
C VAL B 345 -18.87 13.25 19.11
N TYR B 346 -19.97 13.05 19.82
CA TYR B 346 -21.25 13.58 19.34
C TYR B 346 -22.11 13.81 20.57
N LYS B 347 -23.01 14.77 20.43
CA LYS B 347 -23.95 15.11 21.49
C LYS B 347 -25.13 14.20 21.27
N ASN B 348 -25.50 13.44 22.31
CA ASN B 348 -26.77 12.74 22.29
C ASN B 348 -27.96 13.75 22.34
N GLU B 349 -29.18 13.23 22.30
CA GLU B 349 -30.40 14.06 22.31
C GLU B 349 -30.67 14.90 23.60
N GLN B 350 -30.06 14.58 24.74
CA GLN B 350 -30.07 15.48 25.92
C GLN B 350 -28.78 16.31 26.03
N ASP B 351 -28.27 16.78 24.88
CA ASP B 351 -26.96 17.43 24.72
C ASP B 351 -25.76 16.91 25.53
N VAL B 352 -25.69 15.59 25.75
CA VAL B 352 -24.56 15.00 26.48
C VAL B 352 -23.58 14.41 25.47
N VAL B 353 -22.31 14.77 25.64
CA VAL B 353 -21.23 14.35 24.77
C VAL B 353 -20.85 12.86 24.94
N GLN B 354 -20.87 12.11 23.84
CA GLN B 354 -20.53 10.69 23.91
C GLN B 354 -19.24 10.48 23.12
N ILE B 355 -18.46 9.54 23.60
CA ILE B 355 -17.32 9.02 22.82
C ILE B 355 -17.77 7.79 22.04
N PRO B 356 -17.58 7.74 20.72
CA PRO B 356 -18.07 6.49 20.04
C PRO B 356 -17.46 5.18 20.53
N ARG B 357 -18.16 4.07 20.22
CA ARG B 357 -17.73 2.66 20.49
C ARG B 357 -16.25 2.39 20.19
N MET B 358 -15.79 2.87 19.05
CA MET B 358 -14.38 2.91 18.76
C MET B 358 -13.95 4.33 19.00
N PRO B 359 -13.22 4.66 20.08
CA PRO B 359 -12.43 3.75 20.88
C PRO B 359 -12.84 3.49 22.35
N SER B 360 -14.04 3.93 22.76
CA SER B 360 -14.58 3.63 24.15
C SER B 360 -14.34 2.24 24.57
N GLU B 361 -14.70 1.31 23.68
CA GLU B 361 -14.71 -0.04 24.09
C GLU B 361 -13.32 -0.61 24.11
N ASP B 362 -12.46 -0.05 23.26
CA ASP B 362 -11.05 -0.45 23.18
C ASP B 362 -10.27 0.02 24.39
N TYR B 363 -10.68 1.17 24.90
CA TYR B 363 -10.21 1.64 26.17
C TYR B 363 -10.50 0.61 27.27
N TYR B 364 -11.75 0.15 27.32
CA TYR B 364 -12.09 -0.86 28.33
C TYR B 364 -11.27 -2.14 28.15
N ARG B 365 -11.23 -2.63 26.91
CA ARG B 365 -10.45 -3.83 26.54
C ARG B 365 -8.99 -3.76 26.99
N THR B 366 -8.38 -2.66 26.61
CA THR B 366 -6.98 -2.46 26.90
C THR B 366 -6.74 -2.26 28.36
N ALA B 367 -7.62 -1.47 28.99
CA ALA B 367 -7.58 -1.35 30.44
C ALA B 367 -7.63 -2.70 31.13
N MET B 368 -8.47 -3.62 30.67
CA MET B 368 -8.49 -4.95 31.34
C MET B 368 -7.23 -5.77 31.09
N ILE B 369 -6.74 -5.76 29.86
CA ILE B 369 -5.49 -6.47 29.52
C ILE B 369 -4.33 -5.90 30.30
N GLN B 370 -4.22 -4.57 30.32
CA GLN B 370 -3.23 -3.91 31.17
C GLN B 370 -3.35 -4.45 32.61
N HIS B 371 -4.59 -4.47 33.14
CA HIS B 371 -4.79 -4.95 34.50
C HIS B 371 -4.33 -6.40 34.72
N ILE B 372 -4.66 -7.31 33.80
CA ILE B 372 -4.31 -8.72 33.92
C ILE B 372 -2.80 -8.85 33.93
N GLY B 373 -2.15 -7.98 33.15
CA GLY B 373 -0.74 -7.98 33.03
C GLY B 373 -0.06 -7.59 34.31
N LYS B 374 -0.51 -6.49 34.94
CA LYS B 374 0.02 -6.12 36.28
C LYS B 374 -0.11 -7.30 37.20
N MET B 375 -1.30 -7.90 37.25
CA MET B 375 -1.48 -9.07 38.13
C MET B 375 -0.51 -10.20 37.85
N LEU B 376 -0.19 -10.47 36.58
CA LEU B 376 0.76 -11.52 36.24
C LEU B 376 2.24 -11.13 36.16
N GLY B 377 2.57 -9.86 36.37
CA GLY B 377 3.98 -9.40 36.27
C GLY B 377 4.53 -9.45 34.86
N ILE B 378 3.69 -9.17 33.88
CA ILE B 378 4.09 -9.11 32.48
C ILE B 378 4.05 -7.64 32.08
N LYS B 379 5.15 -7.10 31.55
CA LYS B 379 5.16 -5.68 31.19
C LYS B 379 4.33 -5.63 29.93
N THR B 380 3.62 -4.53 29.74
CA THR B 380 2.83 -4.30 28.52
C THR B 380 2.96 -2.83 28.10
N PRO B 381 4.20 -2.39 27.77
CA PRO B 381 4.44 -0.97 27.49
C PRO B 381 3.68 -0.37 26.31
N MET B 382 3.33 -1.17 25.32
CA MET B 382 2.51 -0.66 24.20
C MET B 382 1.06 -0.35 24.61
N ILE B 383 0.46 -1.30 25.30
CA ILE B 383 -0.85 -1.15 25.97
C ILE B 383 -0.83 0.09 26.86
N ASP B 384 0.20 0.25 27.69
CA ASP B 384 0.25 1.40 28.63
C ASP B 384 0.15 2.70 27.86
N GLN B 385 0.88 2.73 26.75
CA GLN B 385 0.96 3.89 25.88
C GLN B 385 -0.38 4.18 25.15
N PHE B 386 -1.03 3.13 24.69
CA PHE B 386 -2.36 3.27 24.15
C PHE B 386 -3.33 3.91 25.15
N LEU B 387 -3.29 3.43 26.38
CA LEU B 387 -4.17 3.93 27.44
C LEU B 387 -3.85 5.39 27.76
N THR B 388 -2.56 5.71 27.78
CA THR B 388 -2.12 7.09 28.04
C THR B 388 -2.61 8.07 26.99
N ARG B 389 -2.57 7.68 25.72
CA ARG B 389 -2.95 8.61 24.67
C ARG B 389 -4.45 8.90 24.72
N TYR B 390 -5.24 7.83 24.97
CA TYR B 390 -6.71 7.91 25.10
C TYR B 390 -7.14 8.85 26.27
N GLU B 391 -6.63 8.52 27.46
CA GLU B 391 -6.73 9.35 28.66
C GLU B 391 -6.33 10.80 28.41
N ALA B 392 -5.23 11.01 27.67
CA ALA B 392 -4.82 12.38 27.29
C ALA B 392 -5.84 13.10 26.35
N SER B 393 -6.41 12.38 25.41
CA SER B 393 -7.43 12.98 24.51
C SER B 393 -8.71 13.34 25.29
N CYS B 394 -9.01 12.54 26.31
CA CYS B 394 -10.17 12.80 27.18
C CYS B 394 -10.00 14.12 28.02
N GLN B 395 -8.91 14.19 28.78
CA GLN B 395 -8.53 15.41 29.49
C GLN B 395 -8.46 16.63 28.57
N ALA B 396 -7.92 16.49 27.36
CA ALA B 396 -7.89 17.60 26.45
C ALA B 396 -9.30 17.97 26.07
N TYR B 397 -10.15 17.00 25.78
CA TYR B 397 -11.57 17.32 25.50
C TYR B 397 -12.24 18.12 26.64
N LYS B 398 -12.00 17.68 27.88
CA LYS B 398 -12.55 18.34 29.07
C LYS B 398 -12.07 19.76 29.16
N ASP B 399 -10.74 19.97 29.02
CA ASP B 399 -10.17 21.33 29.15
C ASP B 399 -10.72 22.25 28.05
N MET B 400 -10.88 21.73 26.84
CA MET B 400 -11.31 22.53 25.71
C MET B 400 -12.83 22.71 25.55
N HIS B 401 -13.61 21.96 26.31
CA HIS B 401 -15.09 21.99 26.21
C HIS B 401 -15.72 22.00 27.62
N GLN B 402 -15.23 22.87 28.47
CA GLN B 402 -15.77 23.03 29.83
C GLN B 402 -17.25 23.43 29.85
N ASP B 403 -17.69 24.16 28.84
CA ASP B 403 -19.12 24.51 28.70
C ASP B 403 -20.10 23.35 28.31
N GLN B 404 -19.60 22.15 27.99
CA GLN B 404 -20.43 21.08 27.49
C GLN B 404 -20.65 20.05 28.60
N GLN B 405 -21.79 19.38 28.57
CA GLN B 405 -22.03 18.18 29.43
C GLN B 405 -21.37 16.97 28.79
N LEU B 406 -20.66 16.16 29.57
CA LEU B 406 -19.96 15.02 29.08
C LEU B 406 -20.42 13.77 29.72
N SER B 407 -20.43 12.67 28.96
CA SER B 407 -20.86 11.38 29.53
C SER B 407 -19.82 10.94 30.56
N SER B 408 -20.16 9.92 31.33
CA SER B 408 -19.20 9.35 32.26
C SER B 408 -18.04 8.58 31.62
N GLN B 409 -18.05 8.41 30.30
CA GLN B 409 -16.89 7.80 29.63
C GLN B 409 -15.64 8.72 29.68
N PHE B 410 -15.84 10.03 29.94
CA PHE B 410 -14.71 10.94 30.07
C PHE B 410 -14.03 10.89 31.44
N ASN B 411 -14.59 10.17 32.39
CA ASN B 411 -14.09 10.15 33.76
C ASN B 411 -12.90 9.21 33.88
N THR B 412 -12.31 9.25 35.04
CA THR B 412 -11.41 8.23 35.50
C THR B 412 -12.04 7.91 36.83
N ASN B 413 -11.47 7.00 37.61
CA ASN B 413 -10.79 5.82 37.11
C ASN B 413 -12.00 4.86 36.98
N LEU B 414 -12.31 4.51 35.72
CA LEU B 414 -13.44 3.69 35.44
C LEU B 414 -13.04 2.27 35.74
N PHE B 415 -14.01 1.37 35.76
CA PHE B 415 -13.71 -0.08 35.78
C PHE B 415 -13.10 -0.63 37.07
N GLU B 416 -13.15 0.11 38.19
CA GLU B 416 -12.62 -0.43 39.48
C GLU B 416 -13.18 -1.78 39.89
N GLY B 417 -14.50 -1.92 39.83
CA GLY B 417 -15.14 -3.21 40.10
C GLY B 417 -14.65 -4.35 39.22
N ASP B 418 -14.60 -4.10 37.90
CA ASP B 418 -14.09 -5.11 36.95
C ASP B 418 -12.68 -5.51 37.38
N LYS B 419 -11.86 -4.53 37.71
CA LYS B 419 -10.44 -4.80 38.07
C LYS B 419 -10.30 -5.58 39.39
N ALA B 420 -11.05 -5.17 40.42
CA ALA B 420 -11.10 -5.91 41.71
C ALA B 420 -11.55 -7.35 41.54
N LEU B 421 -12.57 -7.57 40.69
CA LEU B 421 -13.03 -8.93 40.39
C LEU B 421 -11.96 -9.80 39.76
N VAL B 422 -11.29 -9.24 38.74
CA VAL B 422 -10.18 -9.90 38.05
C VAL B 422 -9.08 -10.22 39.05
N THR B 423 -8.72 -9.23 39.88
CA THR B 423 -7.70 -9.43 40.91
C THR B 423 -8.10 -10.60 41.81
N LYS B 424 -9.34 -10.60 42.30
CA LYS B 424 -9.82 -11.70 43.15
C LYS B 424 -9.84 -13.04 42.41
N PHE B 425 -10.28 -13.04 41.14
CA PHE B 425 -10.31 -14.29 40.36
C PHE B 425 -8.91 -14.87 40.22
N LEU B 426 -7.90 -14.02 40.03
CA LEU B 426 -6.54 -14.51 39.78
C LEU B 426 -5.81 -14.86 41.06
N GLU B 427 -6.10 -14.19 42.18
CA GLU B 427 -5.67 -14.65 43.53
C GLU B 427 -6.18 -16.08 43.82
N ILE B 428 -7.46 -16.34 43.53
CA ILE B 428 -8.08 -17.66 43.72
C ILE B 428 -7.57 -18.69 42.69
N ASN B 429 -7.52 -18.31 41.41
CA ASN B 429 -7.48 -19.24 40.24
C ASN B 429 -8.84 -19.96 40.07
O1 2PE C . 23.04 20.56 -18.09
C2 2PE C . 22.99 20.99 -19.49
C3 2PE C . 23.76 20.07 -20.46
O4 2PE C . 23.54 20.38 -21.88
C5 2PE C . 24.35 19.54 -22.76
C6 2PE C . 24.27 19.88 -24.27
O7 2PE C . 25.55 19.91 -24.94
C8 2PE C . 26.43 21.00 -24.56
C9 2PE C . 27.66 21.21 -25.42
O10 2PE C . 28.73 21.91 -24.70
C11 2PE C . 28.54 23.35 -24.59
C12 2PE C . 29.54 24.09 -23.67
O13 2PE C . 29.94 25.40 -24.18
C1 GOL D . -2.98 -2.30 -20.89
O1 GOL D . -3.16 -3.62 -21.47
C2 GOL D . -4.19 -1.66 -20.19
O2 GOL D . -4.79 -2.69 -19.42
C3 GOL D . -3.75 -0.73 -19.07
O3 GOL D . -2.82 0.27 -19.43
O1 2PE E . -29.12 -22.91 23.15
C2 2PE E . -29.27 -22.49 24.52
C3 2PE E . -29.77 -21.07 24.47
O4 2PE E . -28.66 -20.30 23.97
C5 2PE E . -29.08 -19.05 23.44
C6 2PE E . -27.86 -18.15 23.24
O7 2PE E . -27.86 -17.71 21.86
C8 2PE E . -26.55 -17.76 21.31
C9 2PE E . -26.64 -18.15 19.85
O10 2PE E . -25.60 -19.09 19.59
C11 2PE E . -25.60 -19.46 18.22
C12 2PE E . -24.29 -20.12 17.87
O13 2PE E . -23.94 -19.68 16.58
#